data_5GXY
#
_entry.id   5GXY
#
_cell.length_a   108.216
_cell.length_b   108.822
_cell.length_c   139.816
_cell.angle_alpha   90.00
_cell.angle_beta   90.00
_cell.angle_gamma   90.00
#
_symmetry.space_group_name_H-M   'P 21 21 21'
#
loop_
_entity.id
_entity.type
_entity.pdbx_description
1 polymer Glucanase
2 branched beta-D-glucopyranose-(1-4)-beta-D-glucopyranose
3 non-polymer 'CALCIUM ION'
4 non-polymer 'CHLORIDE ION'
5 non-polymer 'BROMIDE ION'
6 non-polymer 2-AMINO-2-HYDROXYMETHYL-PROPANE-1,3-DIOL
7 non-polymer 2-(2-(2-(2-(2-(2-ETHOXYETHOXY)ETHOXY)ETHOXY)ETHOXY)ETHOXY)ETHANOL
8 water water
#
_entity_poly.entity_id   1
_entity_poly.type   'polypeptide(L)'
_entity_poly.pdbx_seq_one_letter_code
;MAGSYNYAEALQKAIYFYECQQAGPLPEWNRVEWRGDATMNDEVLGGWYDAGDHVKFNLPMAYSAAMLGWALYEYGDDIE
ASGQRLHLERNLAFALDYLVACDRGDSVVYQIGDGAADHKWWGSAEVIEKEMTRPYFVGKGSAVVGQMAAALAVGSIVLK
NDTYLRYAKKYFELADATRSDSTYTAANGFYSSHSGFWDELLWASTWLYLATGDRNYLDKAESYTPKLNRQNQTTDIEYQ
WAHCWDDCHYGAMILLARATGKEEYHKFAQMHLDWWTPQGYNGKRVAYTPGGLAHLDTWGPLRYATTEAFLAFVYADSIN
DPALKQKYYNFAKSQIDYALGSNPDNRSYVVGFGNNPPQRPHHRTAHGTWLDKRDIPEKHRHVLYGALVGGPGRDDSYED
NIEDYVKNEVACDYNAGFVGALCRLTAEYGGTPLANFPPPEQRDDEFFVEAAINQASDHFTEIKALLNNRSSWPARLIKD
LSYNYYMDLTEVFEAGYSVDDIKVTIGYCESGMDVEISPITHLYDNIYYIKISYIDGTNICPIGQEQYAAELQFRIAAPQ
GTKFWDPTNDFSYQGLTRELAKTKYMPVFDGATKIFGEVPGGLEHHHHHH
;
_entity_poly.pdbx_strand_id   A,B
#
loop_
_chem_comp.id
_chem_comp.type
_chem_comp.name
_chem_comp.formula
7PE non-polymer 2-(2-(2-(2-(2-(2-ETHOXYETHOXY)ETHOXY)ETHOXY)ETHOXY)ETHOXY)ETHANOL 'C14 H30 O7'
BGC D-saccharide, beta linking beta-D-glucopyranose 'C6 H12 O6'
BR non-polymer 'BROMIDE ION' 'Br -1'
CA non-polymer 'CALCIUM ION' 'Ca 2'
CL non-polymer 'CHLORIDE ION' 'Cl -1'
TRS non-polymer 2-AMINO-2-HYDROXYMETHYL-PROPANE-1,3-DIOL 'C4 H12 N O3 1'
#
# COMPACT_ATOMS: atom_id res chain seq x y z
N SER A 4 21.86 -23.40 -50.13
CA SER A 4 20.42 -23.03 -49.99
C SER A 4 20.22 -21.74 -49.19
N TYR A 5 21.16 -21.50 -48.30
CA TYR A 5 21.15 -20.33 -47.42
C TYR A 5 22.59 -19.85 -47.37
N ASN A 6 22.81 -18.67 -46.83
CA ASN A 6 24.17 -18.21 -46.59
C ASN A 6 24.61 -18.78 -45.24
N TYR A 7 25.20 -19.97 -45.28
CA TYR A 7 25.53 -20.69 -44.07
C TYR A 7 26.67 -19.99 -43.34
N ALA A 8 27.48 -19.24 -44.09
CA ALA A 8 28.55 -18.49 -43.44
C ALA A 8 28.01 -17.38 -42.55
N GLU A 9 27.02 -16.65 -43.04
CA GLU A 9 26.32 -15.65 -42.24
C GLU A 9 25.59 -16.28 -41.06
N ALA A 10 24.90 -17.39 -41.30
CA ALA A 10 24.27 -18.14 -40.19
C ALA A 10 25.30 -18.53 -39.11
N LEU A 11 26.47 -18.99 -39.53
CA LEU A 11 27.50 -19.43 -38.59
C LEU A 11 28.01 -18.22 -37.82
N GLN A 12 28.26 -17.13 -38.55
CA GLN A 12 28.72 -15.88 -37.94
C GLN A 12 27.79 -15.44 -36.81
N LYS A 13 26.49 -15.49 -37.10
CA LYS A 13 25.51 -15.07 -36.12
C LYS A 13 25.36 -16.07 -34.98
N ALA A 14 25.39 -17.37 -35.30
CA ALA A 14 25.26 -18.41 -34.28
C ALA A 14 26.39 -18.37 -33.25
N ILE A 15 27.56 -17.92 -33.66
CA ILE A 15 28.70 -17.76 -32.75
C ILE A 15 28.53 -16.52 -31.89
N TYR A 16 28.08 -15.45 -32.53
CA TYR A 16 27.87 -14.18 -31.85
C TYR A 16 26.87 -14.34 -30.72
N PHE A 17 25.92 -15.26 -30.88
CA PHE A 17 24.97 -15.52 -29.80
C PHE A 17 25.69 -15.72 -28.45
N TYR A 18 26.79 -16.46 -28.47
CA TYR A 18 27.49 -16.75 -27.20
C TYR A 18 28.05 -15.49 -26.55
N GLU A 19 28.37 -14.48 -27.33
CA GLU A 19 28.85 -13.22 -26.73
C GLU A 19 27.71 -12.50 -25.99
N CYS A 20 26.49 -12.72 -26.47
CA CYS A 20 25.31 -12.18 -25.78
C CYS A 20 25.10 -12.84 -24.41
N GLN A 21 25.64 -14.05 -24.25
CA GLN A 21 25.45 -14.87 -23.06
C GLN A 21 26.55 -14.68 -22.02
N GLN A 22 27.55 -13.86 -22.31
CA GLN A 22 28.75 -13.87 -21.45
C GLN A 22 28.47 -13.20 -20.13
N ALA A 23 28.89 -13.83 -19.03
CA ALA A 23 28.83 -13.19 -17.72
C ALA A 23 30.09 -12.34 -17.51
N GLY A 24 30.06 -11.42 -16.57
CA GLY A 24 31.20 -10.55 -16.29
C GLY A 24 32.38 -11.26 -15.67
N PRO A 25 33.60 -10.73 -15.87
CA PRO A 25 33.88 -9.57 -16.74
C PRO A 25 33.93 -9.99 -18.20
N LEU A 26 33.38 -9.14 -19.07
CA LEU A 26 33.37 -9.42 -20.50
C LEU A 26 34.78 -9.22 -21.03
N PRO A 27 35.18 -10.04 -22.01
CA PRO A 27 36.47 -9.88 -22.69
C PRO A 27 36.46 -8.59 -23.51
N GLU A 28 37.64 -8.00 -23.70
CA GLU A 28 37.79 -6.79 -24.53
C GLU A 28 37.17 -6.88 -25.91
N TRP A 29 37.07 -8.10 -26.44
CA TRP A 29 36.59 -8.33 -27.80
C TRP A 29 35.09 -8.58 -27.91
N ASN A 30 34.37 -8.54 -26.78
CA ASN A 30 32.92 -8.74 -26.82
C ASN A 30 32.27 -7.70 -27.74
N ARG A 31 31.47 -8.16 -28.69
CA ARG A 31 30.94 -7.31 -29.76
C ARG A 31 29.52 -6.79 -29.55
N VAL A 32 28.98 -6.96 -28.34
CA VAL A 32 27.55 -6.75 -28.10
C VAL A 32 27.37 -5.44 -27.35
N GLU A 33 26.89 -4.40 -28.04
CA GLU A 33 26.83 -3.07 -27.45
C GLU A 33 25.91 -3.00 -26.24
N TRP A 34 24.95 -3.91 -26.16
CA TRP A 34 23.99 -3.90 -25.06
C TRP A 34 24.36 -4.84 -23.92
N ARG A 35 25.61 -5.32 -23.94
CA ARG A 35 26.11 -6.12 -22.84
C ARG A 35 27.31 -5.46 -22.17
N GLY A 36 27.25 -5.40 -20.85
CA GLY A 36 28.33 -4.90 -20.00
C GLY A 36 28.71 -5.93 -18.97
N ASP A 37 29.70 -5.63 -18.13
CA ASP A 37 30.05 -6.55 -17.04
C ASP A 37 28.81 -6.79 -16.18
N ALA A 38 28.55 -8.05 -15.89
CA ALA A 38 27.37 -8.37 -15.08
C ALA A 38 27.75 -9.47 -14.08
N THR A 39 26.95 -9.57 -13.02
CA THR A 39 27.15 -10.57 -11.97
C THR A 39 28.61 -10.68 -11.50
N MET A 40 29.22 -9.53 -11.28
CA MET A 40 30.63 -9.49 -10.87
C MET A 40 30.86 -9.94 -9.43
N ASN A 41 29.79 -10.12 -8.66
CA ASN A 41 29.92 -10.68 -7.32
C ASN A 41 29.80 -12.20 -7.28
N ASP A 42 29.67 -12.81 -8.45
CA ASP A 42 29.60 -14.26 -8.54
C ASP A 42 30.85 -14.95 -7.98
N GLU A 43 30.67 -16.13 -7.40
CA GLU A 43 31.78 -16.86 -6.80
C GLU A 43 32.83 -17.26 -7.84
N VAL A 44 32.38 -17.58 -9.05
CA VAL A 44 33.28 -17.86 -10.17
C VAL A 44 32.81 -16.92 -11.30
N LEU A 45 33.74 -16.11 -11.81
CA LEU A 45 33.45 -15.12 -12.84
C LEU A 45 33.47 -15.71 -14.24
N GLY A 46 32.92 -14.95 -15.19
CA GLY A 46 32.89 -15.39 -16.59
C GLY A 46 31.96 -16.56 -16.87
N GLY A 47 32.20 -17.24 -17.98
CA GLY A 47 31.29 -18.30 -18.44
C GLY A 47 30.00 -17.74 -19.01
N TRP A 48 29.03 -18.62 -19.29
CA TRP A 48 27.82 -18.18 -19.97
C TRP A 48 26.60 -18.31 -19.06
N TYR A 49 25.72 -17.31 -19.14
CA TYR A 49 24.34 -17.53 -18.69
C TYR A 49 23.69 -18.60 -19.56
N ASP A 50 22.84 -19.42 -18.97
CA ASP A 50 22.38 -20.61 -19.68
C ASP A 50 21.45 -20.32 -20.85
N ALA A 51 20.41 -19.55 -20.59
CA ALA A 51 19.33 -19.39 -21.56
C ALA A 51 18.94 -17.90 -21.62
N GLY A 52 17.67 -17.57 -21.45
CA GLY A 52 17.29 -16.16 -21.37
C GLY A 52 17.22 -15.70 -19.92
N ASP A 53 17.89 -16.47 -19.07
CA ASP A 53 18.00 -16.23 -17.65
C ASP A 53 19.45 -15.87 -17.28
N HIS A 54 19.80 -15.96 -16.01
CA HIS A 54 21.13 -15.53 -15.55
C HIS A 54 21.79 -16.57 -14.65
N VAL A 55 21.34 -17.81 -14.77
CA VAL A 55 21.97 -18.90 -14.03
C VAL A 55 23.12 -19.47 -14.84
N LYS A 56 24.21 -19.81 -14.15
CA LYS A 56 25.27 -20.59 -14.76
C LYS A 56 25.07 -22.05 -14.35
N PHE A 57 24.62 -22.86 -15.30
CA PHE A 57 24.35 -24.29 -15.07
C PHE A 57 25.46 -25.06 -15.76
N ASN A 58 26.37 -25.68 -15.00
CA ASN A 58 27.61 -26.17 -15.61
C ASN A 58 27.40 -27.35 -16.54
N LEU A 59 26.37 -28.16 -16.31
CA LEU A 59 26.15 -29.30 -17.18
C LEU A 59 25.89 -28.90 -18.65
N PRO A 60 24.83 -28.12 -18.92
CA PRO A 60 24.64 -27.64 -20.30
C PRO A 60 25.74 -26.66 -20.74
N MET A 61 26.34 -25.92 -19.81
CA MET A 61 27.38 -25.00 -20.23
C MET A 61 28.58 -25.78 -20.75
N ALA A 62 29.00 -26.80 -20.00
CA ALA A 62 30.14 -27.61 -20.39
C ALA A 62 29.80 -28.41 -21.66
N TYR A 63 28.58 -28.95 -21.73
CA TYR A 63 28.14 -29.62 -22.95
C TYR A 63 28.29 -28.69 -24.16
N SER A 64 27.82 -27.46 -24.02
CA SER A 64 27.86 -26.51 -25.14
C SER A 64 29.31 -26.26 -25.56
N ALA A 65 30.17 -26.06 -24.57
CA ALA A 65 31.59 -25.87 -24.87
C ALA A 65 32.18 -27.10 -25.55
N ALA A 66 31.86 -28.30 -25.08
CA ALA A 66 32.37 -29.53 -25.68
C ALA A 66 31.95 -29.60 -27.15
N MET A 67 30.71 -29.20 -27.42
CA MET A 67 30.21 -29.21 -28.81
C MET A 67 30.86 -28.17 -29.69
N LEU A 68 31.15 -26.99 -29.15
CA LEU A 68 31.88 -25.99 -29.92
C LEU A 68 33.30 -26.48 -30.20
N GLY A 69 33.88 -27.17 -29.21
CA GLY A 69 35.19 -27.81 -29.38
C GLY A 69 35.13 -28.84 -30.48
N TRP A 70 34.09 -29.68 -30.45
CA TRP A 70 33.94 -30.70 -31.48
C TRP A 70 33.80 -30.06 -32.86
N ALA A 71 33.04 -28.97 -32.97
CA ALA A 71 32.93 -28.27 -34.25
C ALA A 71 34.30 -27.90 -34.83
N LEU A 72 35.14 -27.32 -33.98
CA LEU A 72 36.51 -26.99 -34.38
C LEU A 72 37.35 -28.22 -34.70
N TYR A 73 37.19 -29.28 -33.92
CA TYR A 73 37.96 -30.50 -34.11
C TYR A 73 37.71 -31.10 -35.50
N GLU A 74 36.45 -31.07 -35.93
CA GLU A 74 36.10 -31.64 -37.22
C GLU A 74 36.37 -30.68 -38.38
N TYR A 75 36.04 -29.41 -38.20
CA TYR A 75 35.87 -28.49 -39.33
C TYR A 75 36.67 -27.19 -39.20
N GLY A 76 37.50 -27.07 -38.17
CA GLY A 76 38.22 -25.83 -37.93
C GLY A 76 39.03 -25.29 -39.12
N ASP A 77 39.74 -26.18 -39.80
CA ASP A 77 40.51 -25.79 -40.98
C ASP A 77 39.58 -25.40 -42.12
N ASP A 78 38.49 -26.13 -42.24
CA ASP A 78 37.55 -25.98 -43.35
C ASP A 78 36.68 -24.73 -43.29
N ILE A 79 36.70 -24.00 -42.16
CA ILE A 79 35.91 -22.77 -42.01
C ILE A 79 36.74 -21.48 -42.02
N GLU A 80 38.05 -21.58 -42.20
CA GLU A 80 38.88 -20.37 -42.22
C GLU A 80 38.42 -19.33 -43.23
N ALA A 81 37.91 -19.79 -44.37
CA ALA A 81 37.35 -18.92 -45.39
C ALA A 81 36.11 -18.12 -44.99
N SER A 82 35.31 -18.67 -44.07
CA SER A 82 34.13 -17.97 -43.58
C SER A 82 34.51 -16.79 -42.70
N GLY A 83 35.76 -16.78 -42.23
CA GLY A 83 36.28 -15.74 -41.36
C GLY A 83 35.88 -15.92 -39.91
N GLN A 84 35.28 -17.06 -39.59
CA GLN A 84 34.68 -17.25 -38.27
C GLN A 84 35.51 -18.10 -37.31
N ARG A 85 36.61 -18.67 -37.76
CA ARG A 85 37.38 -19.57 -36.91
C ARG A 85 37.87 -18.88 -35.63
N LEU A 86 38.44 -17.68 -35.76
CA LEU A 86 38.97 -17.00 -34.58
C LEU A 86 37.85 -16.63 -33.62
N HIS A 87 36.69 -16.28 -34.18
CA HIS A 87 35.53 -15.97 -33.36
C HIS A 87 35.09 -17.18 -32.54
N LEU A 88 35.01 -18.33 -33.19
CA LEU A 88 34.61 -19.57 -32.52
C LEU A 88 35.63 -19.92 -31.44
N GLU A 89 36.92 -19.84 -31.78
CA GLU A 89 37.96 -20.23 -30.83
C GLU A 89 37.95 -19.40 -29.55
N ARG A 90 37.88 -18.07 -29.66
CA ARG A 90 37.95 -17.28 -28.43
C ARG A 90 36.64 -17.34 -27.64
N ASN A 91 35.52 -17.51 -28.34
CA ASN A 91 34.27 -17.77 -27.61
C ASN A 91 34.32 -19.07 -26.82
N LEU A 92 34.91 -20.12 -27.40
CA LEU A 92 35.08 -21.37 -26.67
C LEU A 92 35.98 -21.15 -25.46
N ALA A 93 37.09 -20.45 -25.66
CA ALA A 93 38.09 -20.31 -24.61
C ALA A 93 37.48 -19.61 -23.40
N PHE A 94 36.58 -18.66 -23.65
CA PHE A 94 35.88 -17.97 -22.56
C PHE A 94 35.13 -18.93 -21.64
N ALA A 95 34.42 -19.89 -22.22
CA ALA A 95 33.71 -20.88 -21.41
C ALA A 95 34.70 -21.81 -20.70
N LEU A 96 35.72 -22.24 -21.41
CA LEU A 96 36.67 -23.20 -20.83
C LEU A 96 37.41 -22.57 -19.64
N ASP A 97 37.74 -21.28 -19.73
CA ASP A 97 38.39 -20.56 -18.63
C ASP A 97 37.51 -20.60 -17.38
N TYR A 98 36.21 -20.45 -17.58
CA TYR A 98 35.28 -20.57 -16.46
C TYR A 98 35.32 -21.97 -15.86
N LEU A 99 35.35 -23.02 -16.69
CA LEU A 99 35.34 -24.39 -16.16
C LEU A 99 36.58 -24.65 -15.30
N VAL A 100 37.71 -24.11 -15.75
CA VAL A 100 38.96 -24.19 -14.98
C VAL A 100 38.79 -23.45 -13.66
N ALA A 101 38.16 -22.28 -13.73
CA ALA A 101 38.02 -21.45 -12.54
C ALA A 101 37.07 -22.04 -11.50
N CYS A 102 36.30 -23.06 -11.89
CA CYS A 102 35.41 -23.77 -10.96
C CYS A 102 36.11 -24.79 -10.07
N ASP A 103 37.39 -25.05 -10.31
CA ASP A 103 38.06 -26.12 -9.58
C ASP A 103 38.09 -25.82 -8.08
N ARG A 104 37.75 -26.83 -7.28
CA ARG A 104 37.84 -26.74 -5.83
C ARG A 104 38.55 -27.95 -5.24
N GLY A 105 39.30 -28.67 -6.08
CA GLY A 105 40.17 -29.75 -5.62
C GLY A 105 39.53 -31.11 -5.69
N ASP A 106 38.80 -31.46 -4.64
CA ASP A 106 38.07 -32.71 -4.54
C ASP A 106 36.62 -32.53 -4.96
N SER A 107 36.33 -31.36 -5.52
CA SER A 107 34.99 -30.94 -5.93
C SER A 107 35.10 -29.76 -6.87
N VAL A 108 33.98 -29.31 -7.42
CA VAL A 108 33.94 -28.13 -8.28
C VAL A 108 32.76 -27.24 -7.90
N VAL A 109 32.85 -25.95 -8.21
CA VAL A 109 31.67 -25.10 -8.27
C VAL A 109 30.91 -25.58 -9.50
N TYR A 110 29.66 -25.99 -9.34
CA TYR A 110 28.90 -26.55 -10.49
C TYR A 110 27.67 -25.73 -10.91
N GLN A 111 27.41 -24.65 -10.18
CA GLN A 111 26.27 -23.78 -10.46
C GLN A 111 26.49 -22.43 -9.79
N ILE A 112 26.15 -21.35 -10.51
CA ILE A 112 26.03 -20.04 -9.90
C ILE A 112 24.61 -19.55 -10.15
N GLY A 113 23.91 -19.17 -9.07
CA GLY A 113 22.51 -18.76 -9.15
C GLY A 113 21.57 -19.89 -8.82
N ASP A 114 20.42 -19.51 -8.28
CA ASP A 114 19.34 -20.41 -7.89
C ASP A 114 18.29 -20.25 -8.98
N GLY A 115 17.92 -21.37 -9.60
CA GLY A 115 16.99 -21.36 -10.74
C GLY A 115 15.68 -20.68 -10.43
N ALA A 116 15.04 -21.09 -9.33
CA ALA A 116 13.74 -20.54 -8.97
C ALA A 116 13.78 -19.04 -8.72
N ALA A 117 14.79 -18.59 -7.97
CA ALA A 117 14.91 -17.17 -7.66
C ALA A 117 15.25 -16.35 -8.90
N ASP A 118 16.17 -16.88 -9.71
CA ASP A 118 16.58 -16.18 -10.93
C ASP A 118 15.38 -16.01 -11.87
N HIS A 119 14.64 -17.09 -12.06
CA HIS A 119 13.57 -17.10 -13.05
C HIS A 119 12.35 -16.29 -12.64
N LYS A 120 12.18 -16.05 -11.34
CA LYS A 120 11.06 -15.25 -10.84
C LYS A 120 11.13 -13.78 -11.27
N TRP A 121 12.30 -13.32 -11.71
CA TRP A 121 12.52 -11.89 -12.00
C TRP A 121 12.87 -11.71 -13.46
N TRP A 122 12.33 -10.67 -14.07
CA TRP A 122 12.53 -10.38 -15.51
C TRP A 122 13.27 -9.03 -15.61
N GLY A 123 14.53 -9.06 -16.00
CA GLY A 123 15.27 -7.81 -16.16
C GLY A 123 16.67 -8.14 -16.66
N SER A 124 17.49 -7.11 -16.84
CA SER A 124 18.76 -7.28 -17.53
C SER A 124 19.90 -7.71 -16.60
N ALA A 125 20.84 -8.47 -17.15
CA ALA A 125 21.94 -9.07 -16.41
C ALA A 125 22.69 -8.05 -15.54
N GLU A 126 22.92 -6.87 -16.10
CA GLU A 126 23.80 -5.88 -15.48
C GLU A 126 23.23 -5.29 -14.19
N VAL A 127 21.94 -5.46 -13.95
CA VAL A 127 21.29 -4.89 -12.76
C VAL A 127 20.73 -5.93 -11.78
N ILE A 128 20.92 -7.23 -12.05
CA ILE A 128 20.36 -8.27 -11.19
C ILE A 128 20.84 -8.26 -9.72
N GLU A 129 22.04 -7.73 -9.45
CA GLU A 129 22.55 -7.72 -8.07
C GLU A 129 21.79 -6.72 -7.21
N LYS A 130 21.09 -5.79 -7.84
CA LYS A 130 20.21 -4.87 -7.11
C LYS A 130 18.92 -5.55 -6.68
N GLU A 131 18.55 -6.63 -7.37
CA GLU A 131 17.34 -7.40 -7.07
C GLU A 131 17.57 -8.55 -6.09
N MET A 132 18.69 -9.25 -6.23
CA MET A 132 18.92 -10.47 -5.46
C MET A 132 20.40 -10.77 -5.27
N THR A 133 20.68 -11.60 -4.26
CA THR A 133 22.04 -12.05 -4.00
C THR A 133 22.15 -13.50 -4.44
N ARG A 134 23.16 -13.80 -5.26
CA ARG A 134 23.25 -15.07 -5.96
C ARG A 134 24.13 -16.10 -5.25
N PRO A 135 23.59 -17.30 -4.98
CA PRO A 135 24.35 -18.36 -4.32
C PRO A 135 25.27 -19.06 -5.30
N TYR A 136 26.18 -19.87 -4.78
CA TYR A 136 26.91 -20.83 -5.59
C TYR A 136 26.76 -22.21 -4.98
N PHE A 137 27.17 -23.22 -5.73
CA PHE A 137 26.93 -24.61 -5.36
C PHE A 137 28.17 -25.43 -5.69
N VAL A 138 28.55 -26.29 -4.74
CA VAL A 138 29.77 -27.07 -4.87
C VAL A 138 29.42 -28.54 -4.74
N GLY A 139 30.11 -29.39 -5.50
CA GLY A 139 29.79 -30.80 -5.51
C GLY A 139 30.76 -31.56 -6.38
N LYS A 140 30.49 -32.85 -6.57
CA LYS A 140 31.37 -33.70 -7.34
C LYS A 140 30.57 -34.66 -8.22
N GLY A 141 29.38 -34.24 -8.64
CA GLY A 141 28.57 -35.05 -9.54
C GLY A 141 29.31 -35.57 -10.76
N SER A 142 29.28 -36.88 -10.97
CA SER A 142 30.00 -37.51 -12.07
C SER A 142 29.51 -36.98 -13.42
N ALA A 143 28.20 -36.77 -13.58
CA ALA A 143 27.74 -36.21 -14.87
C ALA A 143 28.23 -34.80 -15.13
N VAL A 144 28.07 -33.90 -14.18
CA VAL A 144 28.49 -32.51 -14.41
C VAL A 144 30.02 -32.40 -14.46
N VAL A 145 30.73 -33.10 -13.58
CA VAL A 145 32.21 -33.06 -13.60
C VAL A 145 32.75 -33.75 -14.85
N GLY A 146 32.13 -34.86 -15.23
CA GLY A 146 32.53 -35.60 -16.43
C GLY A 146 32.37 -34.75 -17.69
N GLN A 147 31.27 -34.04 -17.78
CA GLN A 147 31.04 -33.17 -18.93
C GLN A 147 32.06 -32.03 -18.95
N MET A 148 32.38 -31.51 -17.77
CA MET A 148 33.40 -30.47 -17.67
C MET A 148 34.73 -30.99 -18.18
N ALA A 149 35.04 -32.24 -17.84
CA ALA A 149 36.28 -32.87 -18.28
C ALA A 149 36.28 -33.01 -19.80
N ALA A 150 35.15 -33.44 -20.39
CA ALA A 150 35.09 -33.63 -21.83
C ALA A 150 35.30 -32.34 -22.60
N ALA A 151 34.66 -31.26 -22.16
CA ALA A 151 34.77 -29.94 -22.78
C ALA A 151 36.23 -29.49 -22.75
N LEU A 152 36.86 -29.68 -21.59
CA LEU A 152 38.28 -29.32 -21.47
C LEU A 152 39.21 -30.19 -22.28
N ALA A 153 38.88 -31.47 -22.42
CA ALA A 153 39.68 -32.38 -23.24
C ALA A 153 39.65 -31.99 -24.71
N VAL A 154 38.45 -31.86 -25.29
CA VAL A 154 38.42 -31.42 -26.69
C VAL A 154 38.98 -30.01 -26.83
N GLY A 155 38.71 -29.15 -25.86
CA GLY A 155 39.27 -27.80 -25.85
C GLY A 155 40.78 -27.78 -25.91
N SER A 156 41.42 -28.65 -25.13
CA SER A 156 42.88 -28.74 -25.12
C SER A 156 43.46 -29.09 -26.50
N ILE A 157 42.74 -29.90 -27.25
CA ILE A 157 43.17 -30.26 -28.60
C ILE A 157 43.05 -29.07 -29.56
N VAL A 158 41.84 -28.55 -29.71
CA VAL A 158 41.59 -27.51 -30.70
C VAL A 158 42.18 -26.15 -30.39
N LEU A 159 42.44 -25.90 -29.10
CA LEU A 159 43.05 -24.63 -28.70
C LEU A 159 44.52 -24.82 -28.30
N LYS A 160 45.03 -26.02 -28.49
CA LYS A 160 46.46 -26.34 -28.24
C LYS A 160 46.89 -25.83 -26.87
N ASN A 161 46.13 -26.26 -25.86
CA ASN A 161 46.23 -25.69 -24.53
C ASN A 161 46.49 -26.73 -23.45
N ASP A 162 47.69 -26.68 -22.86
CA ASP A 162 48.06 -27.69 -21.88
C ASP A 162 47.31 -27.57 -20.54
N THR A 163 46.92 -26.35 -20.18
CA THR A 163 46.17 -26.11 -18.96
C THR A 163 44.81 -26.79 -19.07
N TYR A 164 44.14 -26.63 -20.21
CA TYR A 164 42.86 -27.31 -20.39
C TYR A 164 43.00 -28.83 -20.24
N LEU A 165 44.09 -29.41 -20.75
CA LEU A 165 44.29 -30.85 -20.66
C LEU A 165 44.54 -31.27 -19.22
N ARG A 166 45.34 -30.48 -18.51
CA ARG A 166 45.58 -30.73 -17.09
C ARG A 166 44.27 -30.78 -16.30
N TYR A 167 43.39 -29.80 -16.52
CA TYR A 167 42.09 -29.76 -15.85
C TYR A 167 41.13 -30.83 -16.34
N ALA A 168 41.24 -31.21 -17.61
CA ALA A 168 40.37 -32.28 -18.13
C ALA A 168 40.67 -33.59 -17.40
N LYS A 169 41.96 -33.83 -17.16
CA LYS A 169 42.37 -35.02 -16.44
C LYS A 169 41.94 -34.98 -14.97
N LYS A 170 42.12 -33.84 -14.31
CA LYS A 170 41.70 -33.65 -12.93
C LYS A 170 40.23 -34.00 -12.76
N TYR A 171 39.41 -33.37 -13.59
CA TYR A 171 37.96 -33.53 -13.53
C TYR A 171 37.55 -34.96 -13.89
N PHE A 172 38.16 -35.54 -14.92
CA PHE A 172 37.81 -36.91 -15.25
C PHE A 172 38.13 -37.85 -14.09
N GLU A 173 39.31 -37.67 -13.50
CA GLU A 173 39.70 -38.52 -12.36
C GLU A 173 38.70 -38.37 -11.22
N LEU A 174 38.25 -37.15 -10.94
CA LEU A 174 37.24 -36.92 -9.91
C LEU A 174 35.91 -37.57 -10.24
N ALA A 175 35.41 -37.37 -11.45
CA ALA A 175 34.13 -37.95 -11.84
C ALA A 175 34.17 -39.48 -11.79
N ASP A 176 35.28 -40.05 -12.24
CA ASP A 176 35.43 -41.50 -12.36
C ASP A 176 35.65 -42.13 -10.99
N ALA A 177 36.23 -41.36 -10.08
CA ALA A 177 36.40 -41.86 -8.72
C ALA A 177 35.09 -41.80 -7.93
N THR A 178 34.26 -40.79 -8.22
CA THR A 178 33.05 -40.52 -7.45
C THR A 178 31.92 -41.45 -7.85
N ARG A 179 31.76 -41.64 -9.16
CA ARG A 179 30.72 -42.50 -9.70
C ARG A 179 29.40 -42.33 -8.98
N SER A 180 28.91 -41.10 -8.94
CA SER A 180 27.64 -40.79 -8.29
C SER A 180 27.19 -39.39 -8.66
N ASP A 181 25.89 -39.23 -8.92
CA ASP A 181 25.31 -37.90 -9.09
C ASP A 181 24.65 -37.36 -7.82
N SER A 182 24.92 -37.98 -6.66
CA SER A 182 24.19 -37.59 -5.46
C SER A 182 24.44 -36.16 -4.96
N THR A 183 25.62 -35.62 -5.25
CA THR A 183 25.93 -34.25 -4.87
C THR A 183 25.58 -33.23 -5.95
N TYR A 184 24.92 -33.69 -7.00
CA TYR A 184 24.40 -32.83 -8.07
C TYR A 184 22.89 -32.67 -7.85
N THR A 185 22.54 -31.59 -7.16
CA THR A 185 21.16 -31.30 -6.79
C THR A 185 20.64 -29.90 -7.13
N ALA A 186 21.51 -28.90 -7.26
CA ALA A 186 21.06 -27.52 -7.36
C ALA A 186 20.31 -27.25 -8.67
N ALA A 187 20.49 -28.12 -9.66
CA ALA A 187 19.87 -27.96 -10.98
C ALA A 187 18.66 -28.86 -11.12
N ASN A 188 18.27 -29.55 -10.05
CA ASN A 188 17.11 -30.41 -10.16
C ASN A 188 15.86 -29.68 -10.63
N GLY A 189 15.21 -30.23 -11.66
CA GLY A 189 14.03 -29.62 -12.23
C GLY A 189 14.37 -28.68 -13.37
N PHE A 190 15.65 -28.38 -13.54
CA PHE A 190 16.14 -27.53 -14.65
C PHE A 190 17.02 -28.37 -15.57
N TYR A 191 18.08 -28.93 -15.00
CA TYR A 191 18.99 -29.83 -15.69
C TYR A 191 19.28 -31.02 -14.78
N SER A 192 18.23 -31.71 -14.36
CA SER A 192 18.41 -32.96 -13.60
C SER A 192 19.22 -33.96 -14.41
N SER A 193 19.99 -34.80 -13.74
CA SER A 193 20.66 -35.88 -14.44
C SER A 193 19.65 -37.01 -14.65
N HIS A 194 19.19 -37.13 -15.90
CA HIS A 194 18.14 -38.09 -16.25
C HIS A 194 18.72 -39.47 -16.60
N SER A 195 19.80 -39.48 -17.35
CA SER A 195 20.34 -40.73 -17.91
C SER A 195 21.38 -41.32 -16.97
N GLY A 196 21.73 -40.60 -15.90
CA GLY A 196 22.86 -40.99 -15.06
C GLY A 196 24.19 -40.54 -15.64
N PHE A 197 25.29 -41.07 -15.11
CA PHE A 197 26.62 -40.50 -15.40
C PHE A 197 27.51 -41.38 -16.27
N TRP A 198 27.11 -42.60 -16.60
CA TRP A 198 28.03 -43.43 -17.38
C TRP A 198 28.31 -42.85 -18.77
N ASP A 199 27.30 -42.25 -19.39
CA ASP A 199 27.51 -41.62 -20.70
C ASP A 199 28.54 -40.49 -20.66
N GLU A 200 28.53 -39.69 -19.60
CA GLU A 200 29.54 -38.63 -19.42
C GLU A 200 30.94 -39.23 -19.27
N LEU A 201 31.06 -40.32 -18.51
CA LEU A 201 32.40 -40.90 -18.36
C LEU A 201 32.89 -41.44 -19.68
N LEU A 202 31.98 -42.05 -20.44
CA LEU A 202 32.28 -42.49 -21.80
C LEU A 202 32.72 -41.34 -22.70
N TRP A 203 31.94 -40.26 -22.70
CA TRP A 203 32.21 -39.06 -23.51
C TRP A 203 33.56 -38.44 -23.14
N ALA A 204 33.80 -38.27 -21.85
CA ALA A 204 35.05 -37.67 -21.38
C ALA A 204 36.28 -38.55 -21.70
N SER A 205 36.16 -39.85 -21.46
CA SER A 205 37.30 -40.75 -21.67
C SER A 205 37.59 -40.87 -23.17
N THR A 206 36.53 -40.85 -23.97
CA THR A 206 36.71 -40.81 -25.41
C THR A 206 37.52 -39.60 -25.85
N TRP A 207 37.14 -38.42 -25.36
CA TRP A 207 37.86 -37.21 -25.73
C TRP A 207 39.29 -37.22 -25.17
N LEU A 208 39.48 -37.80 -24.00
CA LEU A 208 40.84 -37.87 -23.45
C LEU A 208 41.74 -38.79 -24.28
N TYR A 209 41.15 -39.88 -24.78
CA TYR A 209 41.87 -40.75 -25.68
C TYR A 209 42.23 -40.01 -26.97
N LEU A 210 41.28 -39.26 -27.53
CA LEU A 210 41.55 -38.47 -28.74
C LEU A 210 42.60 -37.38 -28.48
N ALA A 211 42.65 -36.88 -27.25
CA ALA A 211 43.61 -35.82 -26.90
C ALA A 211 45.01 -36.37 -26.65
N THR A 212 45.10 -37.56 -26.06
CA THR A 212 46.38 -38.04 -25.55
C THR A 212 46.95 -39.23 -26.33
N GLY A 213 46.07 -40.01 -26.95
CA GLY A 213 46.49 -41.23 -27.61
C GLY A 213 46.79 -42.32 -26.59
N ASP A 214 46.53 -42.04 -25.32
CA ASP A 214 46.78 -43.00 -24.24
C ASP A 214 45.67 -44.05 -24.23
N ARG A 215 46.06 -45.28 -24.52
CA ARG A 215 45.10 -46.36 -24.62
C ARG A 215 44.35 -46.63 -23.32
N ASN A 216 44.91 -46.26 -22.18
CA ASN A 216 44.21 -46.42 -20.91
C ASN A 216 42.85 -45.73 -20.93
N TYR A 217 42.79 -44.58 -21.58
CA TYR A 217 41.50 -43.93 -21.82
C TYR A 217 40.59 -44.71 -22.75
N LEU A 218 41.12 -45.32 -23.81
CA LEU A 218 40.23 -46.13 -24.66
C LEU A 218 39.70 -47.36 -23.92
N ASP A 219 40.51 -47.93 -23.02
CA ASP A 219 40.05 -49.07 -22.22
C ASP A 219 38.95 -48.67 -21.25
N LYS A 220 39.08 -47.50 -20.65
CA LYS A 220 38.05 -46.97 -19.77
C LYS A 220 36.77 -46.76 -20.58
N ALA A 221 36.89 -46.09 -21.72
CA ALA A 221 35.73 -45.83 -22.58
C ALA A 221 34.97 -47.11 -22.87
N GLU A 222 35.66 -48.11 -23.40
CA GLU A 222 35.01 -49.37 -23.75
C GLU A 222 34.40 -50.08 -22.54
N SER A 223 34.96 -49.87 -21.35
CA SER A 223 34.43 -50.42 -20.10
C SER A 223 33.08 -49.82 -19.69
N TYR A 224 32.75 -48.65 -20.23
CA TYR A 224 31.53 -47.98 -19.81
C TYR A 224 30.34 -48.41 -20.65
N THR A 225 30.59 -48.89 -21.86
CA THR A 225 29.50 -49.16 -22.79
C THR A 225 28.48 -50.19 -22.27
N PRO A 226 28.91 -51.23 -21.55
CA PRO A 226 27.89 -52.15 -21.03
C PRO A 226 27.06 -51.53 -19.92
N LYS A 227 27.50 -50.40 -19.36
CA LYS A 227 26.78 -49.73 -18.27
C LYS A 227 25.78 -48.69 -18.76
N LEU A 228 25.76 -48.43 -20.06
CA LEU A 228 24.83 -47.47 -20.65
C LEU A 228 23.41 -47.99 -20.52
N ASN A 229 22.46 -47.08 -20.51
CA ASN A 229 21.04 -47.45 -20.51
C ASN A 229 20.67 -48.25 -21.76
N ARG A 230 19.77 -49.20 -21.57
CA ARG A 230 19.25 -50.02 -22.67
C ARG A 230 18.05 -49.34 -23.33
N GLN A 231 17.79 -49.71 -24.57
CA GLN A 231 16.56 -49.32 -25.25
C GLN A 231 15.40 -50.15 -24.72
N ASN A 232 14.50 -49.50 -23.97
CA ASN A 232 13.33 -50.13 -23.36
C ASN A 232 13.74 -51.38 -22.59
N GLN A 233 13.18 -52.53 -22.95
CA GLN A 233 13.53 -53.77 -22.27
C GLN A 233 14.46 -54.68 -23.09
N THR A 234 15.06 -54.16 -24.16
CA THR A 234 15.96 -54.94 -24.99
C THR A 234 17.40 -54.90 -24.47
N THR A 235 18.29 -55.53 -25.22
CA THR A 235 19.71 -55.61 -24.88
C THR A 235 20.53 -54.56 -25.61
N ASP A 236 19.94 -53.89 -26.60
CA ASP A 236 20.58 -52.81 -27.32
C ASP A 236 20.79 -51.60 -26.41
N ILE A 237 21.89 -50.88 -26.64
CA ILE A 237 22.12 -49.58 -26.01
C ILE A 237 21.03 -48.64 -26.52
N GLU A 238 20.55 -47.78 -25.62
CA GLU A 238 19.49 -46.84 -25.95
C GLU A 238 19.87 -46.02 -27.19
N TYR A 239 18.97 -45.93 -28.17
CA TYR A 239 19.29 -45.17 -29.38
C TYR A 239 18.19 -44.17 -29.75
N GLN A 240 17.02 -44.30 -29.13
CA GLN A 240 15.84 -43.48 -29.43
C GLN A 240 15.76 -42.17 -28.66
N TRP A 241 16.80 -41.34 -28.85
CA TRP A 241 16.84 -39.99 -28.29
C TRP A 241 17.93 -39.27 -29.06
N ALA A 242 18.27 -38.05 -28.64
CA ALA A 242 19.28 -37.23 -29.29
C ALA A 242 20.50 -37.09 -28.37
N HIS A 243 21.66 -36.97 -29.00
CA HIS A 243 22.82 -36.40 -28.31
C HIS A 243 22.42 -35.04 -27.75
N CYS A 244 22.69 -34.81 -26.46
CA CYS A 244 22.21 -33.60 -25.80
C CYS A 244 22.96 -33.38 -24.49
N TRP A 245 22.67 -32.24 -23.85
CA TRP A 245 23.29 -31.87 -22.58
C TRP A 245 23.28 -32.96 -21.50
N ASP A 246 22.25 -33.80 -21.51
CA ASP A 246 22.11 -34.87 -20.51
C ASP A 246 22.81 -36.17 -20.84
N ASP A 247 23.07 -36.39 -22.13
CA ASP A 247 23.44 -37.69 -22.65
C ASP A 247 24.19 -37.59 -23.97
N CYS A 248 25.51 -37.75 -23.88
CA CYS A 248 26.37 -37.68 -25.03
C CYS A 248 26.88 -39.04 -25.50
N HIS A 249 26.28 -40.15 -25.09
CA HIS A 249 26.77 -41.45 -25.55
C HIS A 249 26.66 -41.60 -27.06
N TYR A 250 25.61 -41.01 -27.65
CA TYR A 250 25.45 -40.98 -29.09
C TYR A 250 26.69 -40.53 -29.85
N GLY A 251 27.14 -39.32 -29.57
CA GLY A 251 28.33 -38.76 -30.20
C GLY A 251 29.59 -39.55 -29.86
N ALA A 252 29.69 -40.03 -28.62
CA ALA A 252 30.84 -40.84 -28.24
C ALA A 252 30.93 -42.13 -29.07
N MET A 253 29.78 -42.77 -29.32
CA MET A 253 29.78 -44.00 -30.11
C MET A 253 30.23 -43.72 -31.54
N ILE A 254 29.83 -42.57 -32.10
CA ILE A 254 30.26 -42.18 -33.44
C ILE A 254 31.78 -41.96 -33.47
N LEU A 255 32.28 -41.26 -32.47
CA LEU A 255 33.72 -41.02 -32.40
C LEU A 255 34.49 -42.33 -32.29
N LEU A 256 33.94 -43.28 -31.54
CA LEU A 256 34.61 -44.55 -31.32
C LEU A 256 34.54 -45.47 -32.53
N ALA A 257 33.43 -45.39 -33.27
CA ALA A 257 33.33 -46.08 -34.55
C ALA A 257 34.49 -45.63 -35.46
N ARG A 258 34.77 -44.34 -35.48
CA ARG A 258 35.79 -43.81 -36.37
C ARG A 258 37.19 -44.10 -35.84
N ALA A 259 37.36 -43.98 -34.53
CA ALA A 259 38.66 -44.18 -33.89
C ALA A 259 39.11 -45.65 -33.88
N THR A 260 38.19 -46.56 -33.57
CA THR A 260 38.50 -47.98 -33.48
C THR A 260 38.15 -48.82 -34.71
N GLY A 261 37.20 -48.33 -35.51
CA GLY A 261 36.64 -49.09 -36.63
C GLY A 261 35.79 -50.30 -36.26
N LYS A 262 35.60 -50.51 -34.96
CA LYS A 262 34.90 -51.69 -34.45
C LYS A 262 33.43 -51.69 -34.84
N GLU A 263 32.92 -52.87 -35.17
CA GLU A 263 31.61 -53.04 -35.79
C GLU A 263 30.48 -52.66 -34.84
N GLU A 264 30.67 -52.92 -33.55
CA GLU A 264 29.64 -52.60 -32.55
C GLU A 264 29.28 -51.11 -32.55
N TYR A 265 30.28 -50.26 -32.78
CA TYR A 265 30.04 -48.81 -32.80
C TYR A 265 29.33 -48.39 -34.09
N HIS A 266 29.73 -48.98 -35.21
CA HIS A 266 29.10 -48.70 -36.49
C HIS A 266 27.64 -49.17 -36.50
N LYS A 267 27.42 -50.35 -35.93
CA LYS A 267 26.07 -50.89 -35.80
C LYS A 267 25.17 -49.93 -35.02
N PHE A 268 25.69 -49.45 -33.89
CA PHE A 268 24.93 -48.51 -33.06
C PHE A 268 24.65 -47.20 -33.80
N ALA A 269 25.68 -46.63 -34.42
CA ALA A 269 25.57 -45.36 -35.11
C ALA A 269 24.50 -45.43 -36.20
N GLN A 270 24.50 -46.55 -36.92
CA GLN A 270 23.54 -46.73 -38.00
C GLN A 270 22.11 -46.94 -37.48
N MET A 271 21.97 -47.66 -36.37
CA MET A 271 20.65 -47.90 -35.80
C MET A 271 20.08 -46.57 -35.30
N HIS A 272 20.90 -45.86 -34.55
CA HIS A 272 20.54 -44.55 -34.01
C HIS A 272 20.22 -43.54 -35.10
N LEU A 273 21.10 -43.38 -36.09
CA LEU A 273 20.81 -42.41 -37.15
C LEU A 273 19.63 -42.82 -38.02
N ASP A 274 19.50 -44.12 -38.31
CA ASP A 274 18.32 -44.56 -39.07
C ASP A 274 17.01 -44.20 -38.39
N TRP A 275 16.96 -44.32 -37.07
CA TRP A 275 15.76 -43.98 -36.30
C TRP A 275 15.39 -42.51 -36.48
N TRP A 276 16.41 -41.68 -36.67
CA TRP A 276 16.21 -40.26 -36.97
C TRP A 276 15.80 -39.91 -38.40
N THR A 277 16.08 -40.78 -39.37
CA THR A 277 15.85 -40.44 -40.77
C THR A 277 14.40 -40.74 -41.13
N PRO A 278 13.93 -40.22 -42.26
CA PRO A 278 12.54 -40.51 -42.63
C PRO A 278 12.22 -41.98 -42.85
N GLN A 279 13.23 -42.78 -43.21
CA GLN A 279 12.99 -44.20 -43.45
C GLN A 279 12.89 -44.99 -42.16
N GLY A 280 13.39 -44.45 -41.05
CA GLY A 280 13.31 -45.14 -39.78
C GLY A 280 14.24 -46.33 -39.63
N TYR A 281 14.12 -46.99 -38.49
CA TYR A 281 14.87 -48.21 -38.20
C TYR A 281 13.90 -49.35 -37.91
N ASN A 282 13.77 -50.22 -38.92
CA ASN A 282 12.91 -51.41 -38.86
C ASN A 282 11.55 -51.13 -38.26
N GLY A 283 10.92 -50.06 -38.75
CA GLY A 283 9.56 -49.72 -38.34
C GLY A 283 9.45 -48.77 -37.16
N LYS A 284 10.59 -48.37 -36.61
CA LYS A 284 10.63 -47.38 -35.52
C LYS A 284 11.25 -46.07 -35.99
N ARG A 285 10.69 -44.95 -35.56
CA ARG A 285 11.20 -43.66 -36.04
C ARG A 285 10.78 -42.55 -35.09
N VAL A 286 11.66 -41.57 -34.92
CA VAL A 286 11.31 -40.30 -34.29
C VAL A 286 10.08 -39.69 -34.96
N ALA A 287 9.24 -39.00 -34.18
CA ALA A 287 8.11 -38.31 -34.80
C ALA A 287 8.68 -37.24 -35.72
N TYR A 288 8.00 -37.05 -36.84
CA TYR A 288 8.33 -35.98 -37.78
C TYR A 288 7.15 -35.04 -37.93
N THR A 289 7.41 -33.74 -38.00
CA THR A 289 6.34 -32.82 -38.43
C THR A 289 6.04 -33.04 -39.93
N PRO A 290 4.82 -32.74 -40.37
CA PRO A 290 4.54 -32.84 -41.81
C PRO A 290 5.49 -31.98 -42.65
N GLY A 291 5.99 -30.90 -42.04
CA GLY A 291 6.91 -29.97 -42.72
C GLY A 291 8.34 -30.47 -42.81
N GLY A 292 8.62 -31.63 -42.20
CA GLY A 292 9.89 -32.36 -42.38
C GLY A 292 10.86 -32.18 -41.23
N LEU A 293 10.41 -31.66 -40.09
CA LEU A 293 11.31 -31.53 -38.93
C LEU A 293 11.20 -32.78 -38.05
N ALA A 294 12.33 -33.42 -37.76
CA ALA A 294 12.35 -34.53 -36.82
C ALA A 294 12.11 -33.93 -35.44
N HIS A 295 11.06 -34.37 -34.75
CA HIS A 295 10.54 -33.62 -33.61
C HIS A 295 10.55 -34.51 -32.37
N LEU A 296 11.61 -34.39 -31.57
CA LEU A 296 11.84 -35.35 -30.49
C LEU A 296 10.95 -35.15 -29.27
N ASP A 297 10.64 -33.89 -28.98
CA ASP A 297 10.00 -33.53 -27.72
C ASP A 297 9.46 -32.13 -27.86
N THR A 298 8.53 -31.78 -26.98
CA THR A 298 7.90 -30.47 -26.92
C THR A 298 8.96 -29.38 -26.74
N TRP A 299 9.96 -29.68 -25.91
CA TRP A 299 10.99 -28.70 -25.58
C TRP A 299 12.20 -28.74 -26.51
N GLY A 300 12.56 -27.60 -27.08
CA GLY A 300 13.73 -27.49 -27.96
C GLY A 300 13.83 -28.54 -29.07
N PRO A 301 12.78 -28.72 -29.87
CA PRO A 301 12.93 -29.71 -30.96
C PRO A 301 13.99 -29.29 -31.97
N LEU A 302 14.15 -28.00 -32.23
CA LEU A 302 15.14 -27.57 -33.21
C LEU A 302 16.55 -27.90 -32.67
N ARG A 303 16.75 -27.68 -31.38
CA ARG A 303 18.00 -28.05 -30.71
C ARG A 303 18.34 -29.53 -30.95
N TYR A 304 17.38 -30.42 -30.72
CA TYR A 304 17.71 -31.84 -30.87
C TYR A 304 17.98 -32.20 -32.34
N ALA A 305 17.18 -31.66 -33.25
CA ALA A 305 17.29 -32.02 -34.66
C ALA A 305 18.61 -31.51 -35.24
N THR A 306 18.96 -30.26 -34.91
CA THR A 306 20.19 -29.68 -35.45
C THR A 306 21.43 -30.33 -34.85
N THR A 307 21.34 -30.78 -33.59
CA THR A 307 22.45 -31.52 -32.99
C THR A 307 22.63 -32.86 -33.73
N GLU A 308 21.51 -33.54 -33.98
CA GLU A 308 21.62 -34.79 -34.75
C GLU A 308 22.13 -34.55 -36.16
N ALA A 309 21.81 -33.42 -36.76
CA ALA A 309 22.39 -33.08 -38.05
C ALA A 309 23.92 -33.08 -37.97
N PHE A 310 24.46 -32.46 -36.93
CA PHE A 310 25.92 -32.47 -36.77
C PHE A 310 26.46 -33.89 -36.63
N LEU A 311 25.86 -34.72 -35.76
CA LEU A 311 26.31 -36.10 -35.68
C LEU A 311 26.24 -36.85 -37.01
N ALA A 312 25.14 -36.63 -37.73
CA ALA A 312 24.97 -37.28 -39.04
C ALA A 312 26.03 -36.84 -40.04
N PHE A 313 26.36 -35.55 -40.07
CA PHE A 313 27.42 -35.06 -40.96
C PHE A 313 28.75 -35.72 -40.62
N VAL A 314 29.08 -35.78 -39.33
CA VAL A 314 30.37 -36.34 -38.92
C VAL A 314 30.40 -37.81 -39.27
N TYR A 315 29.31 -38.52 -38.98
CA TYR A 315 29.29 -39.94 -39.32
C TYR A 315 29.37 -40.19 -40.83
N ALA A 316 28.56 -39.47 -41.61
CA ALA A 316 28.58 -39.61 -43.07
C ALA A 316 29.97 -39.31 -43.63
N ASP A 317 30.65 -38.29 -43.10
CA ASP A 317 31.99 -37.96 -43.58
C ASP A 317 33.01 -39.05 -43.26
N SER A 318 32.70 -39.88 -42.27
CA SER A 318 33.64 -40.87 -41.77
CA SER A 318 33.63 -40.87 -41.75
C SER A 318 33.49 -42.25 -42.39
N ILE A 319 32.47 -42.44 -43.23
CA ILE A 319 32.24 -43.74 -43.86
C ILE A 319 32.35 -43.65 -45.37
N ASN A 320 32.41 -44.80 -46.04
CA ASN A 320 32.55 -44.79 -47.49
C ASN A 320 31.33 -45.21 -48.31
N ASP A 321 30.39 -45.91 -47.68
CA ASP A 321 29.21 -46.37 -48.40
C ASP A 321 28.36 -45.24 -48.98
N PRO A 322 28.26 -45.16 -50.32
CA PRO A 322 27.56 -44.06 -50.95
C PRO A 322 26.09 -43.89 -50.52
N ALA A 323 25.35 -44.98 -50.40
CA ALA A 323 23.94 -44.90 -50.00
C ALA A 323 23.76 -44.34 -48.60
N LEU A 324 24.51 -44.90 -47.65
CA LEU A 324 24.48 -44.42 -46.27
C LEU A 324 24.93 -42.97 -46.16
N LYS A 325 26.01 -42.61 -46.86
CA LYS A 325 26.48 -41.24 -46.84
C LYS A 325 25.41 -40.26 -47.31
N GLN A 326 24.75 -40.61 -48.40
CA GLN A 326 23.75 -39.72 -48.99
C GLN A 326 22.53 -39.64 -48.08
N LYS A 327 22.16 -40.78 -47.48
CA LYS A 327 20.99 -40.82 -46.60
C LYS A 327 21.21 -39.90 -45.40
N TYR A 328 22.37 -40.05 -44.75
CA TYR A 328 22.66 -39.27 -43.55
C TYR A 328 22.92 -37.79 -43.85
N TYR A 329 23.63 -37.54 -44.95
CA TYR A 329 23.84 -36.16 -45.38
C TYR A 329 22.51 -35.47 -45.67
N ASN A 330 21.59 -36.15 -46.36
CA ASN A 330 20.34 -35.51 -46.73
C ASN A 330 19.51 -35.21 -45.48
N PHE A 331 19.54 -36.13 -44.53
CA PHE A 331 18.86 -35.93 -43.26
C PHE A 331 19.41 -34.67 -42.57
N ALA A 332 20.73 -34.63 -42.44
CA ALA A 332 21.37 -33.55 -41.69
C ALA A 332 21.05 -32.20 -42.34
N LYS A 333 21.28 -32.10 -43.64
CA LYS A 333 20.99 -30.85 -44.32
C LYS A 333 19.52 -30.47 -44.23
N SER A 334 18.62 -31.45 -44.31
CA SER A 334 17.20 -31.13 -44.24
C SER A 334 16.81 -30.48 -42.91
N GLN A 335 17.47 -30.88 -41.83
CA GLN A 335 17.14 -30.37 -40.50
C GLN A 335 17.71 -28.96 -40.33
N ILE A 336 18.93 -28.73 -40.79
CA ILE A 336 19.49 -27.37 -40.74
C ILE A 336 18.64 -26.44 -41.62
N ASP A 337 18.31 -26.89 -42.83
CA ASP A 337 17.56 -26.04 -43.73
C ASP A 337 16.18 -25.71 -43.19
N TYR A 338 15.53 -26.66 -42.52
CA TYR A 338 14.27 -26.37 -41.84
C TYR A 338 14.43 -25.20 -40.84
N ALA A 339 15.49 -25.25 -40.04
CA ALA A 339 15.72 -24.21 -39.04
C ALA A 339 15.95 -22.84 -39.66
N LEU A 340 16.52 -22.81 -40.85
CA LEU A 340 16.88 -21.58 -41.55
C LEU A 340 15.76 -21.01 -42.43
N GLY A 341 14.71 -21.79 -42.68
CA GLY A 341 13.60 -21.30 -43.49
C GLY A 341 12.92 -22.29 -44.42
N SER A 342 13.39 -23.53 -44.49
CA SER A 342 12.76 -24.55 -45.36
C SER A 342 11.67 -25.30 -44.62
N ASN A 343 10.56 -24.59 -44.41
CA ASN A 343 9.46 -25.07 -43.59
C ASN A 343 8.17 -24.46 -44.12
N PRO A 344 7.02 -24.87 -43.57
CA PRO A 344 5.75 -24.43 -44.17
C PRO A 344 5.50 -22.94 -44.16
N ASP A 345 6.16 -22.22 -43.25
CA ASP A 345 6.06 -20.77 -43.19
C ASP A 345 7.18 -20.04 -43.91
N ASN A 346 8.09 -20.79 -44.52
CA ASN A 346 9.27 -20.24 -45.15
C ASN A 346 10.06 -19.24 -44.31
N ARG A 347 10.15 -19.50 -43.01
CA ARG A 347 10.69 -18.50 -42.08
C ARG A 347 11.85 -19.06 -41.28
N SER A 348 12.86 -18.22 -41.08
CA SER A 348 13.96 -18.58 -40.19
C SER A 348 13.53 -18.69 -38.73
N TYR A 349 14.11 -19.66 -38.03
CA TYR A 349 13.91 -19.81 -36.59
C TYR A 349 15.17 -19.35 -35.85
N VAL A 350 15.97 -18.56 -36.54
CA VAL A 350 17.22 -18.05 -35.98
C VAL A 350 17.07 -16.54 -35.87
N VAL A 351 17.10 -16.04 -34.64
CA VAL A 351 16.89 -14.60 -34.43
C VAL A 351 17.86 -13.79 -35.25
N GLY A 352 17.37 -12.75 -35.93
CA GLY A 352 18.26 -11.84 -36.66
C GLY A 352 18.84 -12.40 -37.93
N PHE A 353 18.30 -13.50 -38.43
CA PHE A 353 18.81 -14.13 -39.64
C PHE A 353 17.66 -14.52 -40.57
N GLY A 354 17.86 -14.28 -41.86
CA GLY A 354 16.99 -14.88 -42.86
C GLY A 354 15.64 -14.20 -42.94
N ASN A 355 14.67 -14.95 -43.48
CA ASN A 355 13.35 -14.39 -43.75
C ASN A 355 12.45 -14.51 -42.52
N ASN A 356 11.90 -13.39 -42.09
CA ASN A 356 10.89 -13.39 -41.01
C ASN A 356 11.35 -14.12 -39.75
N PRO A 357 12.55 -13.80 -39.24
CA PRO A 357 13.04 -14.45 -38.02
C PRO A 357 12.22 -14.10 -36.79
N PRO A 358 12.30 -14.92 -35.72
CA PRO A 358 11.65 -14.56 -34.47
C PRO A 358 12.19 -13.24 -33.93
N GLN A 359 11.31 -12.41 -33.39
CA GLN A 359 11.74 -11.12 -32.84
C GLN A 359 11.45 -11.00 -31.35
N ARG A 360 10.78 -11.99 -30.76
CA ARG A 360 10.47 -11.94 -29.33
C ARG A 360 10.99 -13.18 -28.61
N PRO A 361 12.30 -13.48 -28.74
CA PRO A 361 12.84 -14.63 -27.99
C PRO A 361 12.66 -14.42 -26.49
N HIS A 362 12.52 -15.53 -25.76
CA HIS A 362 12.28 -15.47 -24.31
C HIS A 362 13.63 -15.22 -23.65
N HIS A 363 14.08 -13.97 -23.67
CA HIS A 363 15.44 -13.65 -23.26
C HIS A 363 15.42 -12.29 -22.56
N ARG A 364 15.78 -12.28 -21.28
CA ARG A 364 15.59 -11.09 -20.45
C ARG A 364 16.44 -9.90 -20.92
N THR A 365 17.72 -10.14 -21.18
CA THR A 365 18.60 -9.00 -21.43
C THR A 365 18.42 -8.47 -22.86
N ALA A 366 18.07 -9.35 -23.80
CA ALA A 366 17.77 -8.89 -25.15
C ALA A 366 16.49 -8.07 -25.19
N HIS A 367 15.53 -8.40 -24.34
CA HIS A 367 14.25 -7.67 -24.27
C HIS A 367 14.47 -6.24 -23.77
N GLY A 368 15.10 -6.09 -22.60
CA GLY A 368 15.48 -4.78 -22.09
C GLY A 368 14.33 -4.07 -21.41
N THR A 369 13.67 -4.76 -20.49
CA THR A 369 12.61 -4.11 -19.71
C THR A 369 13.20 -3.25 -18.58
N TRP A 370 12.36 -2.39 -18.03
CA TRP A 370 12.75 -1.62 -16.84
C TRP A 370 11.85 -1.92 -15.66
N LEU A 371 10.86 -2.77 -15.86
CA LEU A 371 9.86 -2.92 -14.80
C LEU A 371 9.36 -4.33 -14.50
N ASP A 372 10.23 -5.31 -14.74
CA ASP A 372 9.96 -6.69 -14.36
C ASP A 372 8.64 -7.13 -15.02
N LYS A 373 8.52 -6.85 -16.31
CA LYS A 373 7.37 -7.30 -17.11
C LYS A 373 7.87 -7.82 -18.44
N ARG A 374 7.21 -8.85 -18.96
CA ARG A 374 7.50 -9.28 -20.32
C ARG A 374 6.81 -8.48 -21.42
N ASP A 375 5.67 -7.86 -21.12
CA ASP A 375 4.86 -7.25 -22.17
C ASP A 375 5.27 -5.82 -22.50
N ILE A 376 6.12 -5.25 -21.65
CA ILE A 376 6.62 -3.88 -21.79
C ILE A 376 8.15 -3.96 -21.61
N PRO A 377 8.93 -3.54 -22.63
CA PRO A 377 8.48 -2.97 -23.90
C PRO A 377 7.88 -4.02 -24.83
N GLU A 378 6.99 -3.57 -25.71
CA GLU A 378 6.27 -4.55 -26.53
C GLU A 378 7.17 -5.11 -27.64
N LYS A 379 8.26 -4.40 -27.93
CA LYS A 379 9.27 -4.90 -28.87
C LYS A 379 10.59 -5.02 -28.13
N HIS A 380 11.37 -6.04 -28.46
CA HIS A 380 12.71 -6.16 -27.89
C HIS A 380 13.56 -4.97 -28.24
N ARG A 381 14.31 -4.47 -27.26
CA ARG A 381 15.20 -3.36 -27.54
C ARG A 381 16.47 -3.80 -28.25
N HIS A 382 16.78 -5.10 -28.17
CA HIS A 382 18.02 -5.60 -28.74
C HIS A 382 17.81 -6.82 -29.62
N VAL A 383 18.76 -7.03 -30.53
CA VAL A 383 18.68 -8.16 -31.45
C VAL A 383 19.58 -9.28 -30.97
N LEU A 384 18.97 -10.41 -30.63
CA LEU A 384 19.71 -11.57 -30.14
C LEU A 384 20.21 -12.38 -31.34
N TYR A 385 21.08 -11.78 -32.16
CA TYR A 385 21.52 -12.45 -33.39
C TYR A 385 22.03 -13.85 -33.13
N GLY A 386 21.58 -14.77 -33.98
CA GLY A 386 22.10 -16.13 -34.01
C GLY A 386 21.39 -17.16 -33.15
N ALA A 387 20.50 -16.70 -32.27
CA ALA A 387 19.87 -17.61 -31.32
C ALA A 387 18.90 -18.52 -32.06
N LEU A 388 19.12 -19.82 -31.95
CA LEU A 388 18.13 -20.80 -32.45
C LEU A 388 17.04 -20.97 -31.39
N VAL A 389 15.79 -20.65 -31.78
CA VAL A 389 14.70 -20.77 -30.80
C VAL A 389 14.27 -22.23 -30.63
N GLY A 390 13.41 -22.46 -29.63
CA GLY A 390 12.90 -23.80 -29.36
C GLY A 390 12.31 -24.40 -30.63
N GLY A 391 11.42 -23.63 -31.27
CA GLY A 391 10.89 -24.01 -32.57
C GLY A 391 9.42 -24.39 -32.47
N PRO A 392 8.91 -24.98 -33.54
CA PRO A 392 7.47 -25.19 -33.70
C PRO A 392 6.98 -26.43 -32.96
N GLY A 393 5.67 -26.52 -32.80
CA GLY A 393 5.08 -27.72 -32.23
C GLY A 393 5.10 -28.86 -33.24
N ARG A 394 4.50 -29.97 -32.81
CA ARG A 394 4.54 -31.20 -33.60
C ARG A 394 3.84 -31.11 -34.95
N ASP A 395 2.96 -30.11 -35.08
CA ASP A 395 2.24 -29.85 -36.32
C ASP A 395 2.79 -28.68 -37.12
N ASP A 396 4.04 -28.31 -36.83
CA ASP A 396 4.73 -27.16 -37.44
C ASP A 396 4.17 -25.81 -37.00
N SER A 397 3.27 -25.79 -36.01
CA SER A 397 2.68 -24.52 -35.60
C SER A 397 3.63 -23.70 -34.73
N TYR A 398 3.51 -22.39 -34.84
CA TYR A 398 4.40 -21.48 -34.12
C TYR A 398 3.85 -20.06 -34.18
N GLU A 399 3.97 -19.34 -33.06
CA GLU A 399 3.75 -17.89 -33.05
C GLU A 399 4.90 -17.27 -32.25
N ASP A 400 5.40 -16.17 -32.79
CA ASP A 400 6.51 -15.44 -32.16
C ASP A 400 5.95 -14.62 -30.99
N ASN A 401 6.13 -15.14 -29.77
CA ASN A 401 5.50 -14.63 -28.56
C ASN A 401 6.46 -14.74 -27.38
N ILE A 402 6.77 -13.62 -26.72
CA ILE A 402 7.70 -13.66 -25.59
C ILE A 402 7.20 -14.57 -24.46
N GLU A 403 5.88 -14.74 -24.37
CA GLU A 403 5.28 -15.52 -23.31
C GLU A 403 5.43 -17.01 -23.59
N ASP A 404 5.76 -17.38 -24.83
CA ASP A 404 5.90 -18.80 -25.15
C ASP A 404 7.31 -19.25 -24.77
N TYR A 405 7.44 -19.62 -23.50
CA TYR A 405 8.72 -20.01 -22.93
C TYR A 405 9.19 -21.38 -23.39
N VAL A 406 8.39 -22.08 -24.19
CA VAL A 406 8.82 -23.30 -24.85
C VAL A 406 9.32 -22.98 -26.27
N LYS A 407 8.43 -22.51 -27.13
CA LYS A 407 8.76 -22.33 -28.54
C LYS A 407 9.78 -21.22 -28.76
N ASN A 408 9.77 -20.23 -27.87
CA ASN A 408 10.72 -19.12 -27.98
C ASN A 408 11.84 -19.15 -26.97
N GLU A 409 12.03 -20.30 -26.31
CA GLU A 409 13.23 -20.50 -25.50
C GLU A 409 14.47 -20.38 -26.38
N VAL A 410 15.57 -19.91 -25.78
CA VAL A 410 16.88 -19.85 -26.45
C VAL A 410 17.89 -20.32 -25.42
N ALA A 411 18.98 -20.96 -25.84
CA ALA A 411 19.94 -21.47 -24.85
C ALA A 411 21.27 -21.84 -25.46
N CYS A 412 22.30 -21.86 -24.62
CA CYS A 412 23.64 -22.30 -25.05
C CYS A 412 23.56 -23.66 -25.74
N ASP A 413 22.83 -24.60 -25.15
CA ASP A 413 22.80 -25.94 -25.75
C ASP A 413 22.01 -25.99 -27.06
N TYR A 414 21.07 -25.06 -27.25
CA TYR A 414 20.32 -25.00 -28.51
C TYR A 414 21.26 -24.63 -29.64
N ASN A 415 22.22 -23.75 -29.35
CA ASN A 415 23.14 -23.29 -30.38
C ASN A 415 24.34 -24.18 -30.66
N ALA A 416 24.62 -25.12 -29.78
CA ALA A 416 25.95 -25.74 -29.78
C ALA A 416 26.18 -26.73 -30.92
N GLY A 417 25.33 -27.75 -31.02
CA GLY A 417 25.34 -28.67 -32.15
C GLY A 417 25.10 -27.94 -33.45
N PHE A 418 24.17 -26.98 -33.42
CA PHE A 418 23.84 -26.13 -34.56
C PHE A 418 25.09 -25.46 -35.14
N VAL A 419 25.95 -24.91 -34.28
CA VAL A 419 27.20 -24.35 -34.78
C VAL A 419 28.04 -25.38 -35.55
N GLY A 420 28.16 -26.59 -35.03
CA GLY A 420 28.93 -27.62 -35.72
C GLY A 420 28.36 -27.96 -37.09
N ALA A 421 27.04 -28.11 -37.16
CA ALA A 421 26.39 -28.38 -38.44
C ALA A 421 26.59 -27.23 -39.44
N LEU A 422 26.49 -25.98 -38.96
CA LEU A 422 26.73 -24.81 -39.81
C LEU A 422 28.17 -24.75 -40.29
N CYS A 423 29.11 -25.21 -39.46
CA CYS A 423 30.51 -25.29 -39.90
C CYS A 423 30.63 -26.25 -41.08
N ARG A 424 29.95 -27.39 -40.98
CA ARG A 424 30.02 -28.38 -42.08
C ARG A 424 29.43 -27.81 -43.37
N LEU A 425 28.31 -27.11 -43.25
CA LEU A 425 27.66 -26.56 -44.45
C LEU A 425 28.42 -25.38 -45.06
N THR A 426 29.03 -24.52 -44.24
CA THR A 426 29.84 -23.42 -44.77
CA THR A 426 29.78 -23.44 -44.87
C THR A 426 31.09 -23.98 -45.45
N ALA A 427 31.63 -25.04 -44.86
CA ALA A 427 32.81 -25.72 -45.42
C ALA A 427 32.52 -26.11 -46.87
N GLU A 428 31.33 -26.65 -47.08
CA GLU A 428 31.00 -27.19 -48.39
C GLU A 428 30.53 -26.11 -49.36
N TYR A 429 29.71 -25.17 -48.89
CA TYR A 429 29.04 -24.23 -49.80
C TYR A 429 29.64 -22.83 -49.80
N GLY A 430 30.48 -22.54 -48.80
CA GLY A 430 31.10 -21.23 -48.68
C GLY A 430 30.10 -20.21 -48.17
N GLY A 431 30.10 -19.04 -48.79
CA GLY A 431 29.24 -17.94 -48.39
C GLY A 431 30.09 -16.84 -47.78
N THR A 432 29.57 -15.63 -47.84
CA THR A 432 30.29 -14.44 -47.43
C THR A 432 29.67 -13.95 -46.13
N PRO A 433 30.47 -13.86 -45.04
CA PRO A 433 29.85 -13.30 -43.85
C PRO A 433 29.55 -11.81 -44.01
N LEU A 434 28.74 -11.25 -43.13
CA LEU A 434 28.37 -9.84 -43.22
C LEU A 434 29.52 -8.97 -42.76
N ALA A 435 29.93 -8.02 -43.58
CA ALA A 435 31.11 -7.20 -43.29
C ALA A 435 30.91 -6.23 -42.13
N ASN A 436 29.70 -5.70 -42.00
CA ASN A 436 29.53 -4.62 -41.05
C ASN A 436 28.89 -5.11 -39.76
N PHE A 437 28.97 -6.42 -39.55
CA PHE A 437 28.22 -7.05 -38.46
C PHE A 437 28.93 -7.00 -37.10
N PRO A 438 28.23 -6.64 -36.01
CA PRO A 438 26.83 -6.23 -35.96
C PRO A 438 26.64 -4.74 -36.19
N PRO A 439 25.53 -4.36 -36.83
CA PRO A 439 25.24 -2.97 -37.09
C PRO A 439 24.71 -2.29 -35.82
N PRO A 440 24.88 -0.96 -35.70
CA PRO A 440 24.43 -0.37 -34.45
C PRO A 440 22.92 -0.33 -34.32
N GLU A 441 22.43 -0.46 -33.09
CA GLU A 441 20.99 -0.40 -32.81
C GLU A 441 20.49 1.03 -32.67
N GLN A 442 19.21 1.22 -32.96
CA GLN A 442 18.54 2.46 -32.61
C GLN A 442 18.32 2.43 -31.11
N ARG A 443 18.74 3.49 -30.42
CA ARG A 443 18.54 3.53 -28.98
C ARG A 443 17.37 4.45 -28.64
N ASP A 444 16.79 4.24 -27.47
CA ASP A 444 15.84 5.21 -26.93
C ASP A 444 16.46 5.90 -25.71
N ASP A 445 15.78 6.89 -25.15
CA ASP A 445 16.36 7.63 -24.03
C ASP A 445 16.40 6.73 -22.80
N GLU A 446 17.53 6.78 -22.09
CA GLU A 446 17.77 5.89 -20.96
C GLU A 446 17.57 6.54 -19.59
N PHE A 447 18.14 7.72 -19.41
CA PHE A 447 18.01 8.46 -18.15
C PHE A 447 17.32 9.77 -18.48
N PHE A 448 16.23 10.05 -17.78
CA PHE A 448 15.43 11.23 -18.11
C PHE A 448 14.40 11.47 -17.01
N VAL A 449 13.92 12.71 -16.92
CA VAL A 449 12.84 13.00 -15.98
C VAL A 449 11.49 13.01 -16.71
N GLU A 450 10.49 12.41 -16.07
CA GLU A 450 9.10 12.63 -16.43
C GLU A 450 8.55 13.57 -15.38
N ALA A 451 7.86 14.63 -15.82
CA ALA A 451 7.31 15.58 -14.86
C ALA A 451 5.89 16.00 -15.20
N ALA A 452 5.18 16.46 -14.17
CA ALA A 452 3.83 16.99 -14.33
C ALA A 452 3.71 18.14 -13.34
N ILE A 453 2.84 19.09 -13.69
CA ILE A 453 2.42 20.13 -12.76
C ILE A 453 1.47 19.48 -11.77
N ASN A 454 1.91 19.36 -10.52
CA ASN A 454 1.12 18.64 -9.52
C ASN A 454 0.05 19.57 -8.97
N GLN A 455 0.42 20.83 -8.84
CA GLN A 455 -0.49 21.92 -8.46
C GLN A 455 0.08 23.25 -8.90
N ALA A 456 -0.76 24.10 -9.50
CA ALA A 456 -0.37 25.48 -9.81
C ALA A 456 -1.22 26.43 -8.97
N SER A 457 -0.62 27.54 -8.54
CA SER A 457 -1.30 28.48 -7.68
C SER A 457 -0.84 29.86 -8.08
N ASP A 458 -1.54 30.91 -7.66
CA ASP A 458 -1.02 32.23 -8.02
C ASP A 458 0.22 32.60 -7.19
N HIS A 459 0.60 31.76 -6.24
CA HIS A 459 1.88 31.99 -5.56
C HIS A 459 2.88 30.82 -5.56
N PHE A 460 2.58 29.74 -6.27
CA PHE A 460 3.55 28.65 -6.35
C PHE A 460 3.39 27.72 -7.56
N THR A 461 4.47 26.97 -7.81
CA THR A 461 4.44 25.83 -8.73
C THR A 461 4.80 24.60 -7.90
N GLU A 462 4.01 23.53 -8.02
CA GLU A 462 4.38 22.25 -7.42
C GLU A 462 4.53 21.22 -8.52
N ILE A 463 5.69 20.57 -8.55
CA ILE A 463 6.06 19.65 -9.64
C ILE A 463 6.10 18.23 -9.08
N LYS A 464 5.51 17.28 -9.81
CA LYS A 464 5.80 15.87 -9.55
C LYS A 464 6.84 15.43 -10.58
N ALA A 465 7.98 14.94 -10.11
CA ALA A 465 9.09 14.59 -11.00
C ALA A 465 9.57 13.18 -10.72
N LEU A 466 9.68 12.38 -11.78
CA LEU A 466 10.20 11.03 -11.67
C LEU A 466 11.51 10.94 -12.45
N LEU A 467 12.59 10.72 -11.73
CA LEU A 467 13.90 10.53 -12.39
C LEU A 467 14.02 9.05 -12.77
N ASN A 468 14.11 8.78 -14.08
CA ASN A 468 14.03 7.43 -14.60
C ASN A 468 15.41 6.86 -14.94
N ASN A 469 15.61 5.57 -14.66
CA ASN A 469 16.70 4.79 -15.23
C ASN A 469 16.06 3.63 -16.01
N ARG A 470 15.90 3.82 -17.31
CA ARG A 470 15.49 2.71 -18.18
C ARG A 470 16.65 2.35 -19.11
N SER A 471 17.88 2.32 -18.57
CA SER A 471 19.07 2.02 -19.37
C SER A 471 19.04 0.60 -19.94
N SER A 472 19.68 0.45 -21.10
CA SER A 472 19.67 -0.83 -21.82
C SER A 472 20.85 -0.97 -22.79
N TRP A 473 21.66 0.09 -22.98
CA TRP A 473 22.79 -0.01 -23.91
C TRP A 473 24.17 0.27 -23.29
N PRO A 474 24.60 -0.54 -22.31
CA PRO A 474 23.91 -1.63 -21.65
C PRO A 474 23.10 -1.10 -20.47
N ALA A 475 22.20 -1.90 -19.91
CA ALA A 475 21.63 -1.60 -18.59
C ALA A 475 22.78 -1.31 -17.63
N ARG A 476 22.61 -0.29 -16.80
CA ARG A 476 23.71 0.17 -15.98
C ARG A 476 23.20 1.02 -14.81
N LEU A 477 24.10 1.22 -13.86
CA LEU A 477 23.80 1.98 -12.65
C LEU A 477 24.68 3.22 -12.60
N ILE A 478 24.07 4.37 -12.29
CA ILE A 478 24.78 5.65 -12.13
C ILE A 478 24.53 6.14 -10.70
N LYS A 479 25.61 6.36 -9.97
CA LYS A 479 25.49 6.79 -8.58
C LYS A 479 25.16 8.28 -8.46
N ASP A 480 25.90 9.10 -9.19
CA ASP A 480 25.82 10.55 -8.99
C ASP A 480 24.79 11.22 -9.90
N LEU A 481 23.53 10.82 -9.74
CA LEU A 481 22.44 11.35 -10.56
C LEU A 481 21.86 12.63 -9.97
N SER A 482 21.59 13.61 -10.82
CA SER A 482 20.86 14.82 -10.41
C SER A 482 20.08 15.37 -11.60
N TYR A 483 19.13 16.26 -11.31
CA TYR A 483 18.48 17.00 -12.38
C TYR A 483 18.21 18.41 -11.87
N ASN A 484 18.04 19.34 -12.81
CA ASN A 484 17.83 20.75 -12.48
C ASN A 484 16.46 21.22 -12.95
N TYR A 485 15.86 22.12 -12.17
CA TYR A 485 14.63 22.79 -12.53
C TYR A 485 14.97 24.26 -12.60
N TYR A 486 14.91 24.82 -13.81
CA TYR A 486 15.28 26.22 -14.07
C TYR A 486 14.08 27.14 -14.10
N MET A 487 14.27 28.32 -13.52
CA MET A 487 13.23 29.34 -13.42
C MET A 487 13.78 30.68 -13.89
N ASP A 488 12.89 31.57 -14.32
CA ASP A 488 13.22 32.95 -14.59
C ASP A 488 12.54 33.73 -13.49
N LEU A 489 13.32 34.44 -12.67
CA LEU A 489 12.78 35.18 -11.54
C LEU A 489 12.62 36.68 -11.80
N THR A 490 12.55 37.06 -13.08
CA THR A 490 12.36 38.47 -13.45
C THR A 490 11.16 39.12 -12.78
N GLU A 491 10.02 38.43 -12.78
CA GLU A 491 8.78 38.94 -12.19
C GLU A 491 8.86 39.08 -10.67
N VAL A 492 9.71 38.27 -10.04
CA VAL A 492 9.94 38.34 -8.61
C VAL A 492 10.58 39.67 -8.27
N PHE A 493 11.69 39.95 -8.94
CA PHE A 493 12.47 41.17 -8.73
C PHE A 493 11.68 42.42 -9.10
N GLU A 494 10.89 42.33 -10.17
CA GLU A 494 10.06 43.46 -10.59
C GLU A 494 8.95 43.82 -9.59
N ALA A 495 8.53 42.85 -8.78
CA ALA A 495 7.48 43.05 -7.78
C ALA A 495 8.09 43.53 -6.47
N GLY A 496 9.42 43.60 -6.43
CA GLY A 496 10.13 44.12 -5.26
C GLY A 496 10.59 43.05 -4.29
N TYR A 497 10.53 41.79 -4.74
CA TYR A 497 10.96 40.68 -3.89
C TYR A 497 12.33 40.16 -4.30
N SER A 498 12.88 39.27 -3.47
CA SER A 498 14.18 38.65 -3.74
C SER A 498 14.11 37.12 -3.70
N VAL A 499 15.24 36.50 -4.02
CA VAL A 499 15.36 35.05 -3.94
C VAL A 499 15.09 34.51 -2.54
N ASP A 500 15.43 35.28 -1.52
CA ASP A 500 15.15 34.87 -0.14
C ASP A 500 13.65 34.76 0.14
N ASP A 501 12.82 35.36 -0.69
CA ASP A 501 11.38 35.31 -0.50
C ASP A 501 10.71 34.11 -1.17
N ILE A 502 11.53 33.28 -1.84
CA ILE A 502 11.01 32.09 -2.51
C ILE A 502 11.39 30.84 -1.73
N LYS A 503 10.40 30.04 -1.35
CA LYS A 503 10.58 28.93 -0.42
C LYS A 503 10.42 27.61 -1.18
N VAL A 504 11.38 26.71 -1.00
CA VAL A 504 11.28 25.36 -1.57
C VAL A 504 10.85 24.40 -0.45
N THR A 505 9.81 23.63 -0.74
CA THR A 505 9.32 22.63 0.19
C THR A 505 9.09 21.31 -0.56
N ILE A 506 8.88 20.23 0.18
CA ILE A 506 8.73 18.91 -0.40
C ILE A 506 7.36 18.40 0.06
N GLY A 507 6.61 17.84 -0.88
CA GLY A 507 5.29 17.33 -0.60
C GLY A 507 5.24 15.80 -0.58
N TYR A 508 6.26 15.16 -1.13
CA TYR A 508 6.39 13.70 -1.12
C TYR A 508 7.81 13.35 -1.59
N CYS A 509 8.46 12.45 -0.88
CA CYS A 509 9.70 11.92 -1.38
C CYS A 509 9.71 10.40 -1.16
N GLU A 510 9.98 9.68 -2.24
CA GLU A 510 9.82 8.23 -2.23
C GLU A 510 10.74 7.56 -1.22
N SER A 511 10.21 6.58 -0.51
CA SER A 511 10.97 5.83 0.49
C SER A 511 12.24 5.18 -0.07
N GLY A 512 13.35 5.40 0.63
CA GLY A 512 14.60 4.71 0.33
C GLY A 512 15.45 5.39 -0.71
N MET A 513 15.05 6.60 -1.11
CA MET A 513 15.79 7.30 -2.14
C MET A 513 16.38 8.55 -1.49
N ASP A 514 17.58 8.41 -0.92
CA ASP A 514 18.30 9.51 -0.27
C ASP A 514 18.48 10.68 -1.22
N VAL A 515 17.89 11.83 -0.88
CA VAL A 515 17.80 12.94 -1.82
C VAL A 515 18.09 14.29 -1.16
N GLU A 516 18.76 15.18 -1.89
CA GLU A 516 18.90 16.55 -1.43
C GLU A 516 18.42 17.51 -2.52
N ILE A 517 17.92 18.67 -2.08
CA ILE A 517 17.55 19.73 -3.00
C ILE A 517 18.39 20.94 -2.63
N SER A 518 19.02 21.52 -3.65
CA SER A 518 19.90 22.67 -3.45
C SER A 518 19.08 23.89 -3.10
N PRO A 519 19.71 24.85 -2.40
CA PRO A 519 19.10 26.18 -2.42
C PRO A 519 18.94 26.68 -3.85
N ILE A 520 18.06 27.67 -4.04
CA ILE A 520 17.89 28.31 -5.33
C ILE A 520 19.19 29.00 -5.70
N THR A 521 19.69 28.67 -6.88
CA THR A 521 21.06 28.99 -7.30
C THR A 521 21.09 29.79 -8.58
N HIS A 522 21.91 30.84 -8.58
CA HIS A 522 22.01 31.68 -9.77
C HIS A 522 22.74 31.00 -10.92
N LEU A 523 22.16 31.13 -12.11
CA LEU A 523 22.83 30.63 -13.32
C LEU A 523 23.46 31.83 -14.01
N TYR A 524 22.63 32.64 -14.68
CA TYR A 524 23.04 33.92 -15.24
C TYR A 524 21.81 34.82 -15.39
N ASP A 525 22.02 36.13 -15.50
CA ASP A 525 20.93 37.09 -15.59
C ASP A 525 19.90 36.84 -14.48
N ASN A 526 18.63 36.69 -14.85
CA ASN A 526 17.57 36.39 -13.88
C ASN A 526 17.18 34.91 -13.87
N ILE A 527 18.03 34.07 -14.44
CA ILE A 527 17.84 32.63 -14.48
C ILE A 527 18.45 31.96 -13.26
N TYR A 528 17.63 31.20 -12.56
CA TYR A 528 18.02 30.49 -11.36
C TYR A 528 17.57 29.04 -11.42
N TYR A 529 18.13 28.17 -10.58
CA TYR A 529 17.67 26.78 -10.56
C TYR A 529 17.81 26.14 -9.20
N ILE A 530 17.11 25.02 -9.05
CA ILE A 530 17.40 24.09 -7.97
C ILE A 530 17.90 22.81 -8.61
N LYS A 531 18.81 22.15 -7.92
CA LYS A 531 19.28 20.82 -8.31
C LYS A 531 18.75 19.81 -7.31
N ILE A 532 18.15 18.74 -7.85
CA ILE A 532 17.71 17.59 -7.06
C ILE A 532 18.76 16.52 -7.25
N SER A 533 19.45 16.14 -6.17
CA SER A 533 20.52 15.15 -6.25
C SER A 533 20.19 13.87 -5.50
N TYR A 534 20.32 12.73 -6.18
CA TYR A 534 20.18 11.46 -5.47
C TYR A 534 21.56 10.96 -5.06
N ILE A 535 21.77 10.83 -3.75
CA ILE A 535 23.12 10.57 -3.25
C ILE A 535 23.61 9.18 -3.64
N ASP A 536 22.70 8.21 -3.59
CA ASP A 536 22.99 6.88 -4.15
C ASP A 536 22.01 6.58 -5.27
N GLY A 537 22.26 7.21 -6.41
CA GLY A 537 21.44 7.01 -7.60
C GLY A 537 21.39 5.59 -8.12
N THR A 538 22.26 4.70 -7.63
CA THR A 538 22.20 3.31 -8.11
C THR A 538 20.90 2.64 -7.67
N ASN A 539 20.25 3.23 -6.67
CA ASN A 539 18.91 2.76 -6.29
C ASN A 539 17.79 3.11 -7.26
N ILE A 540 18.08 3.95 -8.25
CA ILE A 540 17.19 4.14 -9.39
C ILE A 540 17.68 3.18 -10.47
N CYS A 541 16.93 2.11 -10.73
CA CYS A 541 17.47 1.03 -11.54
C CYS A 541 16.34 0.21 -12.15
N PRO A 542 16.57 -0.33 -13.36
CA PRO A 542 15.46 -0.90 -14.11
C PRO A 542 15.14 -2.33 -13.67
N ILE A 543 14.75 -2.50 -12.40
CA ILE A 543 14.57 -3.85 -11.84
C ILE A 543 13.13 -4.12 -11.42
N GLY A 544 12.25 -3.15 -11.60
CA GLY A 544 10.87 -3.34 -11.16
C GLY A 544 10.07 -2.04 -11.17
N GLN A 545 8.78 -2.18 -10.86
CA GLN A 545 7.84 -1.08 -10.99
C GLN A 545 8.19 0.10 -10.10
N GLU A 546 8.66 -0.18 -8.88
CA GLU A 546 8.99 0.87 -7.94
C GLU A 546 10.38 1.45 -8.14
N GLN A 547 11.31 0.65 -8.64
CA GLN A 547 12.74 1.03 -8.63
C GLN A 547 13.18 1.84 -9.85
N TYR A 548 12.48 1.73 -10.97
CA TYR A 548 13.01 2.34 -12.17
C TYR A 548 12.96 3.87 -12.20
N ALA A 549 12.11 4.45 -11.36
CA ALA A 549 12.08 5.91 -11.26
C ALA A 549 11.97 6.29 -9.78
N ALA A 550 12.64 7.39 -9.42
CA ALA A 550 12.47 7.96 -8.08
C ALA A 550 11.51 9.14 -8.16
N GLU A 551 10.47 9.12 -7.33
CA GLU A 551 9.47 10.18 -7.33
C GLU A 551 9.74 11.22 -6.25
N LEU A 552 9.70 12.48 -6.65
CA LEU A 552 9.77 13.60 -5.71
C LEU A 552 8.65 14.58 -6.07
N GLN A 553 7.95 15.14 -5.08
CA GLN A 553 7.05 16.27 -5.36
C GLN A 553 7.64 17.46 -4.63
N PHE A 554 7.95 18.52 -5.37
CA PHE A 554 8.55 19.71 -4.78
C PHE A 554 7.77 20.95 -5.14
N ARG A 555 7.77 21.92 -4.23
CA ARG A 555 7.00 23.12 -4.41
C ARG A 555 7.96 24.29 -4.30
N ILE A 556 7.82 25.25 -5.22
CA ILE A 556 8.62 26.48 -5.23
C ILE A 556 7.58 27.59 -5.13
N ALA A 557 7.64 28.34 -4.03
CA ALA A 557 6.53 29.21 -3.64
C ALA A 557 7.02 30.61 -3.25
N ALA A 558 6.38 31.62 -3.82
CA ALA A 558 6.42 32.98 -3.30
C ALA A 558 5.53 33.03 -2.05
N PRO A 559 5.54 34.15 -1.29
CA PRO A 559 4.68 34.17 -0.10
C PRO A 559 3.19 34.04 -0.43
N GLN A 560 2.45 33.33 0.41
CA GLN A 560 1.00 33.28 0.31
C GLN A 560 0.46 34.71 0.27
N GLY A 561 -0.46 34.96 -0.66
CA GLY A 561 -1.07 36.29 -0.81
C GLY A 561 -0.52 37.11 -1.95
N THR A 562 0.69 36.78 -2.39
CA THR A 562 1.30 37.50 -3.51
C THR A 562 0.72 37.05 -4.85
N LYS A 563 0.88 37.91 -5.86
CA LYS A 563 0.17 37.74 -7.12
C LYS A 563 1.11 37.83 -8.33
N PHE A 564 2.41 37.74 -8.08
CA PHE A 564 3.40 37.94 -9.13
C PHE A 564 3.95 36.65 -9.75
N TRP A 565 3.91 35.57 -9.00
CA TRP A 565 4.53 34.30 -9.45
C TRP A 565 4.13 33.94 -10.87
N ASP A 566 5.11 33.80 -11.76
CA ASP A 566 4.83 33.51 -13.16
C ASP A 566 5.70 32.36 -13.66
N PRO A 567 5.11 31.16 -13.70
CA PRO A 567 5.95 30.05 -14.16
C PRO A 567 6.03 29.97 -15.67
N THR A 568 5.26 30.78 -16.38
CA THR A 568 5.20 30.68 -17.85
C THR A 568 6.48 31.14 -18.53
N ASN A 569 7.33 31.86 -17.80
CA ASN A 569 8.65 32.19 -18.35
C ASN A 569 9.78 31.30 -17.81
N ASP A 570 9.42 30.25 -17.10
CA ASP A 570 10.42 29.36 -16.52
C ASP A 570 10.80 28.25 -17.51
N PHE A 571 12.10 28.12 -17.75
CA PHE A 571 12.62 27.15 -18.70
C PHE A 571 12.11 25.73 -18.48
N SER A 572 12.10 25.28 -17.22
CA SER A 572 11.74 23.89 -16.95
C SER A 572 10.23 23.67 -16.90
N TYR A 573 9.43 24.73 -16.97
CA TYR A 573 7.98 24.61 -16.96
C TYR A 573 7.45 24.35 -18.38
N GLN A 574 8.29 24.56 -19.38
CA GLN A 574 7.83 24.55 -20.77
C GLN A 574 7.24 23.19 -21.13
N GLY A 575 6.03 23.20 -21.66
CA GLY A 575 5.37 22.01 -22.19
C GLY A 575 4.77 21.08 -21.15
N LEU A 576 4.97 21.39 -19.87
CA LEU A 576 4.42 20.57 -18.81
C LEU A 576 2.90 20.65 -18.78
N THR A 577 2.30 19.54 -18.40
CA THR A 577 0.85 19.44 -18.22
C THR A 577 0.60 18.81 -16.86
N ARG A 578 -0.67 18.52 -16.60
CA ARG A 578 -1.03 17.80 -15.39
C ARG A 578 -0.78 16.29 -15.47
N GLU A 579 -0.36 15.78 -16.64
CA GLU A 579 -0.06 14.35 -16.81
C GLU A 579 1.45 14.20 -16.91
N LEU A 580 1.98 13.15 -16.29
CA LEU A 580 3.42 12.87 -16.34
C LEU A 580 3.88 12.67 -17.78
N ALA A 581 5.01 13.28 -18.12
CA ALA A 581 5.58 13.13 -19.46
C ALA A 581 7.07 13.40 -19.38
N LYS A 582 7.84 12.65 -20.16
CA LYS A 582 9.26 12.94 -20.33
C LYS A 582 9.44 14.41 -20.69
N THR A 583 10.41 15.07 -20.07
CA THR A 583 10.73 16.44 -20.46
C THR A 583 12.23 16.65 -20.64
N LYS A 584 12.63 17.26 -21.76
CA LYS A 584 14.04 17.57 -21.96
C LYS A 584 14.46 18.85 -21.24
N TYR A 585 13.50 19.53 -20.61
CA TYR A 585 13.80 20.82 -19.98
C TYR A 585 14.16 20.75 -18.50
N MET A 586 14.18 19.53 -17.96
CA MET A 586 14.76 19.26 -16.64
C MET A 586 15.91 18.29 -16.87
N PRO A 587 17.06 18.83 -17.31
CA PRO A 587 18.15 17.96 -17.76
C PRO A 587 18.73 17.10 -16.64
N VAL A 588 19.26 15.93 -17.00
CA VAL A 588 19.80 15.00 -16.03
C VAL A 588 21.32 14.98 -16.12
N PHE A 589 21.98 14.88 -14.97
CA PHE A 589 23.44 14.90 -14.90
C PHE A 589 23.96 13.66 -14.18
N ASP A 590 25.13 13.20 -14.63
CA ASP A 590 25.91 12.17 -13.95
C ASP A 590 27.16 12.92 -13.52
N GLY A 591 27.26 13.17 -12.21
CA GLY A 591 28.25 14.13 -11.70
C GLY A 591 28.00 15.47 -12.39
N ALA A 592 29.06 16.04 -12.95
CA ALA A 592 28.99 17.30 -13.68
C ALA A 592 28.67 17.16 -15.17
N THR A 593 28.47 15.94 -15.67
CA THR A 593 28.24 15.73 -17.09
C THR A 593 26.76 15.66 -17.38
N LYS A 594 26.27 16.52 -18.27
CA LYS A 594 24.86 16.41 -18.69
C LYS A 594 24.67 15.17 -19.55
N ILE A 595 23.73 14.32 -19.17
CA ILE A 595 23.47 13.07 -19.90
C ILE A 595 22.12 13.05 -20.62
N PHE A 596 21.25 13.98 -20.30
CA PHE A 596 20.00 14.11 -21.04
C PHE A 596 19.49 15.53 -20.94
N GLY A 597 18.91 16.05 -22.02
CA GLY A 597 18.11 17.27 -21.94
C GLY A 597 18.85 18.50 -22.39
N GLU A 598 18.31 19.66 -22.05
CA GLU A 598 18.85 20.95 -22.48
C GLU A 598 18.93 21.91 -21.30
N VAL A 599 19.79 22.93 -21.42
CA VAL A 599 19.99 23.93 -20.38
C VAL A 599 19.69 25.30 -20.99
N PRO A 600 19.24 26.27 -20.17
CA PRO A 600 18.95 27.61 -20.70
C PRO A 600 20.19 28.23 -21.36
N GLY A 601 20.02 28.78 -22.54
CA GLY A 601 21.17 29.20 -23.35
C GLY A 601 21.97 27.92 -23.57
N GLY A 602 23.12 27.82 -22.90
CA GLY A 602 23.96 26.64 -22.95
C GLY A 602 24.53 26.35 -24.33
N SER B 4 -30.29 5.82 50.20
CA SER B 4 -30.95 6.02 48.86
C SER B 4 -29.88 6.48 47.87
N TYR B 5 -30.15 7.55 47.14
CA TYR B 5 -29.15 8.17 46.26
C TYR B 5 -29.04 9.65 46.54
N ASN B 6 -27.92 10.23 46.12
CA ASN B 6 -27.81 11.67 46.14
C ASN B 6 -28.36 12.19 44.82
N TYR B 7 -29.66 12.51 44.81
CA TYR B 7 -30.28 12.93 43.55
C TYR B 7 -29.77 14.31 43.11
N ALA B 8 -29.27 15.13 44.03
CA ALA B 8 -28.73 16.42 43.65
C ALA B 8 -27.47 16.22 42.83
N GLU B 9 -26.64 15.26 43.24
CA GLU B 9 -25.41 14.98 42.49
C GLU B 9 -25.78 14.38 41.15
N ALA B 10 -26.76 13.49 41.14
CA ALA B 10 -27.16 12.87 39.87
C ALA B 10 -27.66 13.95 38.91
N LEU B 11 -28.48 14.88 39.42
CA LEU B 11 -28.99 15.99 38.60
C LEU B 11 -27.85 16.87 38.09
N GLN B 12 -26.95 17.25 38.99
CA GLN B 12 -25.78 18.03 38.62
C GLN B 12 -25.05 17.41 37.42
N LYS B 13 -24.81 16.10 37.49
CA LYS B 13 -24.07 15.44 36.42
C LYS B 13 -24.93 15.29 35.16
N ALA B 14 -26.21 14.98 35.35
CA ALA B 14 -27.10 14.80 34.20
C ALA B 14 -27.23 16.09 33.37
N ILE B 15 -27.10 17.25 34.03
CA ILE B 15 -27.14 18.54 33.31
C ILE B 15 -25.82 18.76 32.57
N TYR B 16 -24.71 18.46 33.27
CA TYR B 16 -23.38 18.63 32.71
C TYR B 16 -23.21 17.85 31.42
N PHE B 17 -23.89 16.70 31.29
CA PHE B 17 -23.84 15.95 30.05
C PHE B 17 -24.09 16.84 28.83
N TYR B 18 -25.07 17.74 28.93
CA TYR B 18 -25.37 18.62 27.80
C TYR B 18 -24.21 19.53 27.41
N GLU B 19 -23.38 19.94 28.37
CA GLU B 19 -22.20 20.74 28.03
C GLU B 19 -21.20 19.94 27.21
N CYS B 20 -21.16 18.62 27.47
CA CYS B 20 -20.34 17.73 26.65
C CYS B 20 -20.76 17.64 25.19
N GLN B 21 -22.05 17.89 24.97
CA GLN B 21 -22.69 17.77 23.66
C GLN B 21 -22.70 19.09 22.87
N GLN B 22 -22.23 20.21 23.44
CA GLN B 22 -22.34 21.49 22.74
C GLN B 22 -21.45 21.61 21.50
N ALA B 23 -22.06 22.02 20.39
CA ALA B 23 -21.30 22.35 19.19
C ALA B 23 -20.77 23.78 19.32
N GLY B 24 -19.77 24.11 18.50
CA GLY B 24 -19.13 25.41 18.61
C GLY B 24 -20.00 26.51 18.03
N PRO B 25 -19.81 27.75 18.50
CA PRO B 25 -18.86 28.17 19.53
C PRO B 25 -19.42 27.87 20.91
N LEU B 26 -18.54 27.35 21.78
CA LEU B 26 -18.93 27.03 23.14
C LEU B 26 -19.16 28.35 23.89
N PRO B 27 -20.12 28.33 24.81
CA PRO B 27 -20.29 29.48 25.68
C PRO B 27 -19.10 29.58 26.63
N GLU B 28 -18.91 30.78 27.17
CA GLU B 28 -17.79 31.00 28.08
C GLU B 28 -17.83 30.14 29.33
N TRP B 29 -19.04 29.74 29.73
CA TRP B 29 -19.29 28.97 30.95
C TRP B 29 -19.18 27.44 30.81
N ASN B 30 -18.94 26.97 29.60
CA ASN B 30 -18.77 25.52 29.39
C ASN B 30 -17.69 24.95 30.33
N ARG B 31 -18.09 23.91 31.07
CA ARG B 31 -17.26 23.36 32.13
C ARG B 31 -16.40 22.15 31.73
N VAL B 32 -16.38 21.83 30.44
CA VAL B 32 -15.79 20.57 29.97
C VAL B 32 -14.40 20.80 29.38
N GLU B 33 -13.36 20.35 30.10
CA GLU B 33 -11.99 20.70 29.72
C GLU B 33 -11.56 20.07 28.39
N TRP B 34 -12.24 18.99 28.02
CA TRP B 34 -11.93 18.29 26.79
C TRP B 34 -12.84 18.65 25.62
N ARG B 35 -13.56 19.76 25.75
CA ARG B 35 -14.35 20.29 24.64
C ARG B 35 -13.86 21.66 24.21
N GLY B 36 -13.72 21.82 22.90
CA GLY B 36 -13.36 23.11 22.30
C GLY B 36 -14.39 23.48 21.25
N ASP B 37 -14.21 24.65 20.63
CA ASP B 37 -15.09 25.04 19.55
C ASP B 37 -14.92 23.97 18.48
N ALA B 38 -16.05 23.42 18.06
CA ALA B 38 -16.04 22.40 17.01
C ALA B 38 -17.08 22.78 15.98
N THR B 39 -16.92 22.21 14.80
CA THR B 39 -17.84 22.35 13.68
C THR B 39 -18.21 23.81 13.39
N MET B 40 -17.18 24.66 13.43
CA MET B 40 -17.39 26.09 13.24
C MET B 40 -17.78 26.50 11.82
N ASN B 41 -17.65 25.58 10.86
CA ASN B 41 -18.12 25.82 9.50
C ASN B 41 -19.57 25.44 9.25
N ASP B 42 -20.27 24.99 10.29
CA ASP B 42 -21.65 24.54 10.12
C ASP B 42 -22.55 25.69 9.68
N GLU B 43 -23.57 25.35 8.90
CA GLU B 43 -24.52 26.36 8.43
C GLU B 43 -25.22 27.09 9.57
N VAL B 44 -25.52 26.36 10.65
CA VAL B 44 -26.08 26.97 11.86
C VAL B 44 -25.18 26.54 13.02
N LEU B 45 -24.69 27.53 13.76
CA LEU B 45 -23.75 27.26 14.84
C LEU B 45 -24.45 26.91 16.15
N GLY B 46 -23.68 26.39 17.09
CA GLY B 46 -24.22 26.00 18.39
C GLY B 46 -25.18 24.82 18.34
N GLY B 47 -26.04 24.72 19.35
CA GLY B 47 -26.89 23.54 19.53
C GLY B 47 -26.10 22.33 20.03
N TRP B 48 -26.75 21.17 20.06
CA TRP B 48 -26.15 19.96 20.62
C TRP B 48 -25.93 18.92 19.53
N TYR B 49 -24.79 18.23 19.59
CA TYR B 49 -24.64 16.97 18.87
C TYR B 49 -25.64 15.98 19.47
N ASP B 50 -26.21 15.10 18.64
CA ASP B 50 -27.32 14.31 19.15
C ASP B 50 -26.91 13.27 20.19
N ALA B 51 -25.90 12.47 19.88
CA ALA B 51 -25.61 11.26 20.67
C ALA B 51 -24.10 11.20 20.84
N GLY B 52 -23.48 10.07 20.53
CA GLY B 52 -22.02 10.00 20.61
C GLY B 52 -21.43 10.28 19.25
N ASP B 53 -22.25 10.90 18.40
CA ASP B 53 -21.90 11.30 17.04
C ASP B 53 -21.82 12.81 16.97
N HIS B 54 -21.83 13.38 15.76
CA HIS B 54 -21.72 14.83 15.58
C HIS B 54 -22.78 15.42 14.66
N VAL B 55 -23.88 14.70 14.48
CA VAL B 55 -25.00 15.24 13.72
C VAL B 55 -25.85 16.10 14.64
N LYS B 56 -26.38 17.20 14.09
CA LYS B 56 -27.42 17.96 14.75
C LYS B 56 -28.74 17.54 14.13
N PHE B 57 -29.55 16.81 14.89
CA PHE B 57 -30.84 16.29 14.42
C PHE B 57 -31.88 17.11 15.16
N ASN B 58 -32.57 18.04 14.49
CA ASN B 58 -33.40 18.97 15.27
C ASN B 58 -34.59 18.32 15.98
N LEU B 59 -35.13 17.22 15.48
CA LEU B 59 -36.31 16.66 16.14
C LEU B 59 -36.00 16.22 17.59
N PRO B 60 -35.03 15.32 17.79
CA PRO B 60 -34.69 14.98 19.17
C PRO B 60 -34.01 16.14 19.91
N MET B 61 -33.35 17.04 19.20
CA MET B 61 -32.69 18.15 19.89
C MET B 61 -33.77 19.04 20.49
N ALA B 62 -34.77 19.39 19.68
CA ALA B 62 -35.85 20.22 20.17
C ALA B 62 -36.66 19.49 21.25
N TYR B 63 -36.94 18.20 21.06
CA TYR B 63 -37.65 17.45 22.10
C TYR B 63 -36.86 17.52 23.42
N SER B 64 -35.53 17.37 23.33
CA SER B 64 -34.74 17.36 24.56
C SER B 64 -34.84 18.72 25.24
N ALA B 65 -34.77 19.79 24.43
CA ALA B 65 -34.89 21.16 24.96
C ALA B 65 -36.28 21.38 25.57
N ALA B 66 -37.32 20.88 24.91
CA ALA B 66 -38.67 21.02 25.45
C ALA B 66 -38.78 20.34 26.81
N MET B 67 -38.17 19.16 26.96
CA MET B 67 -38.22 18.44 28.21
C MET B 67 -37.43 19.13 29.30
N LEU B 68 -36.27 19.71 28.98
CA LEU B 68 -35.55 20.48 30.00
C LEU B 68 -36.37 21.69 30.42
N GLY B 69 -37.05 22.32 29.45
CA GLY B 69 -37.98 23.41 29.76
C GLY B 69 -39.09 22.93 30.68
N TRP B 70 -39.66 21.78 30.37
CA TRP B 70 -40.73 21.23 31.21
C TRP B 70 -40.24 20.96 32.63
N ALA B 71 -39.02 20.46 32.77
CA ALA B 71 -38.43 20.26 34.10
C ALA B 71 -38.41 21.58 34.89
N LEU B 72 -37.96 22.65 34.25
CA LEU B 72 -37.95 23.97 34.91
C LEU B 72 -39.35 24.49 35.19
N TYR B 73 -40.28 24.21 34.29
CA TYR B 73 -41.65 24.70 34.46
C TYR B 73 -42.29 24.11 35.71
N GLU B 74 -42.06 22.82 35.96
CA GLU B 74 -42.67 22.13 37.08
C GLU B 74 -41.87 22.38 38.35
N TYR B 75 -40.55 22.29 38.26
CA TYR B 75 -39.74 22.10 39.46
C TYR B 75 -38.62 23.14 39.63
N GLY B 76 -38.56 24.16 38.78
CA GLY B 76 -37.49 25.16 38.86
C GLY B 76 -37.31 25.80 40.22
N ASP B 77 -38.41 26.20 40.86
CA ASP B 77 -38.34 26.80 42.20
C ASP B 77 -37.83 25.76 43.21
N ASP B 78 -38.26 24.52 43.01
CA ASP B 78 -38.05 23.47 43.99
C ASP B 78 -36.63 22.92 44.01
N ILE B 79 -35.82 23.27 43.01
CA ILE B 79 -34.45 22.78 42.92
C ILE B 79 -33.40 23.85 43.20
N GLU B 80 -33.83 25.05 43.59
CA GLU B 80 -32.86 26.11 43.83
C GLU B 80 -31.82 25.73 44.88
N ALA B 81 -32.25 24.94 45.86
CA ALA B 81 -31.37 24.44 46.92
C ALA B 81 -30.24 23.50 46.48
N SER B 82 -30.47 22.74 45.40
CA SER B 82 -29.47 21.81 44.85
C SER B 82 -28.35 22.57 44.13
N GLY B 83 -28.56 23.86 43.93
CA GLY B 83 -27.66 24.74 43.20
C GLY B 83 -27.67 24.57 41.69
N GLN B 84 -28.58 23.75 41.16
CA GLN B 84 -28.52 23.40 39.74
C GLN B 84 -29.42 24.21 38.82
N ARG B 85 -30.23 25.11 39.37
CA ARG B 85 -31.20 25.79 38.52
C ARG B 85 -30.51 26.62 37.43
N LEU B 86 -29.48 27.37 37.79
CA LEU B 86 -28.84 28.25 36.82
C LEU B 86 -28.12 27.44 35.78
N HIS B 87 -27.56 26.30 36.19
CA HIS B 87 -26.95 25.39 35.21
C HIS B 87 -27.99 24.87 34.22
N LEU B 88 -29.15 24.48 34.71
CA LEU B 88 -30.15 23.92 33.79
C LEU B 88 -30.63 25.02 32.84
N GLU B 89 -30.84 26.23 33.39
CA GLU B 89 -31.37 27.33 32.58
C GLU B 89 -30.43 27.70 31.43
N ARG B 90 -29.16 27.90 31.73
CA ARG B 90 -28.29 28.35 30.64
C ARG B 90 -28.01 27.20 29.68
N ASN B 91 -27.97 25.96 30.15
CA ASN B 91 -27.90 24.82 29.21
C ASN B 91 -29.08 24.78 28.23
N LEU B 92 -30.29 25.05 28.73
CA LEU B 92 -31.47 25.06 27.85
C LEU B 92 -31.36 26.21 26.84
N ALA B 93 -30.99 27.39 27.33
CA ALA B 93 -30.91 28.57 26.46
C ALA B 93 -29.95 28.31 25.30
N PHE B 94 -28.88 27.56 25.53
CA PHE B 94 -27.95 27.29 24.42
C PHE B 94 -28.63 26.52 23.29
N ALA B 95 -29.46 25.54 23.64
CA ALA B 95 -30.19 24.81 22.58
C ALA B 95 -31.26 25.68 21.94
N LEU B 96 -31.97 26.45 22.74
CA LEU B 96 -33.03 27.30 22.16
C LEU B 96 -32.47 28.32 21.19
N ASP B 97 -31.31 28.88 21.54
CA ASP B 97 -30.68 29.84 20.65
C ASP B 97 -30.40 29.26 19.27
N TYR B 98 -29.98 27.99 19.26
CA TYR B 98 -29.78 27.28 18.01
C TYR B 98 -31.09 27.15 17.25
N LEU B 99 -32.16 26.76 17.95
CA LEU B 99 -33.45 26.59 17.26
C LEU B 99 -33.90 27.88 16.57
N VAL B 100 -33.67 29.02 17.23
CA VAL B 100 -34.00 30.31 16.65
C VAL B 100 -33.10 30.56 15.44
N ALA B 101 -31.83 30.22 15.58
CA ALA B 101 -30.86 30.46 14.50
C ALA B 101 -31.13 29.59 13.26
N CYS B 102 -31.94 28.54 13.41
CA CYS B 102 -32.35 27.73 12.26
C CYS B 102 -33.36 28.39 11.31
N ASP B 103 -33.95 29.51 11.72
CA ASP B 103 -35.03 30.10 10.90
C ASP B 103 -34.53 30.50 9.52
N ARG B 104 -35.27 30.08 8.49
CA ARG B 104 -34.97 30.51 7.13
C ARG B 104 -36.21 31.07 6.46
N GLY B 105 -37.13 31.60 7.25
CA GLY B 105 -38.25 32.37 6.68
C GLY B 105 -39.43 31.44 6.42
N ASP B 106 -39.40 30.78 5.26
CA ASP B 106 -40.48 29.89 4.85
C ASP B 106 -40.21 28.44 5.17
N SER B 107 -39.11 28.23 5.89
CA SER B 107 -38.58 26.90 6.16
C SER B 107 -37.52 27.07 7.26
N VAL B 108 -36.96 25.96 7.72
CA VAL B 108 -35.89 26.00 8.72
C VAL B 108 -34.76 25.06 8.31
N VAL B 109 -33.56 25.32 8.81
CA VAL B 109 -32.53 24.30 8.77
C VAL B 109 -32.94 23.28 9.82
N TYR B 110 -33.07 22.00 9.43
CA TYR B 110 -33.51 20.98 10.39
C TYR B 110 -32.47 19.91 10.66
N GLN B 111 -31.31 20.01 10.02
CA GLN B 111 -30.23 19.04 10.26
C GLN B 111 -28.90 19.64 9.81
N ILE B 112 -27.85 19.36 10.57
CA ILE B 112 -26.49 19.59 10.07
C ILE B 112 -25.75 18.27 10.19
N GLY B 113 -25.19 17.83 9.07
CA GLY B 113 -24.43 16.58 9.03
C GLY B 113 -25.21 15.52 8.27
N ASP B 114 -24.49 14.70 7.52
CA ASP B 114 -24.99 13.51 6.87
C ASP B 114 -24.79 12.36 7.84
N GLY B 115 -25.88 11.74 8.28
CA GLY B 115 -25.83 10.66 9.27
C GLY B 115 -24.86 9.55 8.88
N ALA B 116 -24.94 9.08 7.64
CA ALA B 116 -24.08 7.96 7.23
C ALA B 116 -22.58 8.29 7.32
N ALA B 117 -22.19 9.43 6.74
CA ALA B 117 -20.78 9.82 6.73
C ALA B 117 -20.29 10.11 8.14
N ASP B 118 -21.17 10.72 8.93
CA ASP B 118 -20.80 11.09 10.31
C ASP B 118 -20.48 9.81 11.08
N HIS B 119 -21.37 8.83 10.98
CA HIS B 119 -21.27 7.64 11.82
C HIS B 119 -20.16 6.72 11.35
N LYS B 120 -19.77 6.83 10.08
CA LYS B 120 -18.70 5.97 9.57
C LYS B 120 -17.33 6.28 10.16
N TRP B 121 -17.18 7.47 10.71
CA TRP B 121 -15.90 7.94 11.25
C TRP B 121 -15.97 7.99 12.78
N TRP B 122 -14.86 7.64 13.43
CA TRP B 122 -14.74 7.61 14.89
C TRP B 122 -13.62 8.56 15.32
N GLY B 123 -13.98 9.70 15.88
CA GLY B 123 -12.98 10.70 16.26
C GLY B 123 -13.66 11.86 16.94
N SER B 124 -12.84 12.84 17.37
CA SER B 124 -13.34 13.92 18.23
C SER B 124 -13.95 15.06 17.43
N ALA B 125 -14.98 15.68 18.02
CA ALA B 125 -15.74 16.76 17.38
C ALA B 125 -14.86 17.84 16.75
N GLU B 126 -13.86 18.27 17.52
CA GLU B 126 -13.01 19.41 17.12
C GLU B 126 -12.16 19.22 15.86
N VAL B 127 -12.04 17.97 15.40
CA VAL B 127 -11.21 17.67 14.24
C VAL B 127 -12.00 17.11 13.06
N ILE B 128 -13.33 17.04 13.18
CA ILE B 128 -14.09 16.30 12.17
C ILE B 128 -14.08 17.03 10.82
N GLU B 129 -13.92 18.35 10.82
CA GLU B 129 -13.87 19.06 9.52
C GLU B 129 -12.64 18.72 8.68
N LYS B 130 -11.59 18.18 9.30
CA LYS B 130 -10.46 17.63 8.54
C LYS B 130 -10.81 16.33 7.82
N GLU B 131 -11.84 15.63 8.30
CA GLU B 131 -12.23 14.34 7.72
C GLU B 131 -13.30 14.50 6.65
N MET B 132 -14.22 15.44 6.87
CA MET B 132 -15.35 15.56 5.97
C MET B 132 -15.96 16.95 5.97
N THR B 133 -16.68 17.24 4.89
CA THR B 133 -17.52 18.44 4.78
C THR B 133 -18.95 18.11 5.19
N ARG B 134 -19.55 18.96 6.02
CA ARG B 134 -20.86 18.66 6.61
C ARG B 134 -21.98 19.42 5.91
N PRO B 135 -22.92 18.71 5.27
CA PRO B 135 -23.99 19.41 4.54
C PRO B 135 -25.06 19.82 5.56
N TYR B 136 -25.95 20.72 5.16
CA TYR B 136 -27.09 21.11 5.96
C TYR B 136 -28.34 20.81 5.15
N PHE B 137 -29.48 20.73 5.83
CA PHE B 137 -30.74 20.39 5.19
C PHE B 137 -31.81 21.32 5.69
N VAL B 138 -32.65 21.73 4.74
CA VAL B 138 -33.68 22.74 4.93
CA VAL B 138 -33.69 22.70 5.00
C VAL B 138 -35.04 22.15 4.58
N GLY B 139 -36.07 22.49 5.36
CA GLY B 139 -37.41 21.96 5.08
C GLY B 139 -38.42 22.56 6.02
N LYS B 140 -39.65 22.04 6.00
CA LYS B 140 -40.67 22.56 6.90
C LYS B 140 -41.53 21.44 7.45
N GLY B 141 -40.92 20.28 7.71
CA GLY B 141 -41.68 19.13 8.19
C GLY B 141 -42.45 19.47 9.45
N SER B 142 -43.73 19.08 9.49
CA SER B 142 -44.57 19.49 10.60
C SER B 142 -44.09 18.92 11.94
N ALA B 143 -43.59 17.69 11.94
CA ALA B 143 -43.13 17.13 13.22
C ALA B 143 -41.91 17.89 13.73
N VAL B 144 -40.89 18.04 12.88
CA VAL B 144 -39.70 18.71 13.39
C VAL B 144 -39.96 20.19 13.70
N VAL B 145 -40.67 20.89 12.82
CA VAL B 145 -40.97 22.31 13.08
C VAL B 145 -41.89 22.47 14.30
N GLY B 146 -42.86 21.56 14.44
CA GLY B 146 -43.78 21.58 15.57
C GLY B 146 -43.05 21.37 16.89
N GLN B 147 -42.08 20.46 16.91
CA GLN B 147 -41.33 20.22 18.14
C GLN B 147 -40.42 21.41 18.45
N MET B 148 -39.82 21.99 17.40
CA MET B 148 -39.08 23.24 17.59
C MET B 148 -39.97 24.29 18.24
N ALA B 149 -41.20 24.43 17.76
CA ALA B 149 -42.16 25.39 18.31
C ALA B 149 -42.42 25.11 19.79
N ALA B 150 -42.67 23.84 20.11
CA ALA B 150 -42.97 23.47 21.49
C ALA B 150 -41.81 23.82 22.43
N ALA B 151 -40.59 23.51 21.99
CA ALA B 151 -39.41 23.77 22.81
C ALA B 151 -39.27 25.26 23.11
N LEU B 152 -39.49 26.09 22.09
CA LEU B 152 -39.38 27.53 22.28
C LEU B 152 -40.54 28.08 23.10
N ALA B 153 -41.71 27.44 23.02
CA ALA B 153 -42.87 27.93 23.79
C ALA B 153 -42.62 27.71 25.29
N VAL B 154 -42.26 26.49 25.70
CA VAL B 154 -41.98 26.31 27.13
C VAL B 154 -40.74 27.11 27.54
N GLY B 155 -39.74 27.16 26.67
CA GLY B 155 -38.54 27.95 26.92
C GLY B 155 -38.87 29.41 27.17
N SER B 156 -39.80 29.98 26.40
CA SER B 156 -40.20 31.38 26.62
C SER B 156 -40.75 31.63 28.03
N ILE B 157 -41.47 30.65 28.57
CA ILE B 157 -42.06 30.77 29.91
C ILE B 157 -40.94 30.74 30.95
N VAL B 158 -40.17 29.65 30.94
CA VAL B 158 -39.22 29.40 32.02
C VAL B 158 -37.99 30.30 31.98
N LEU B 159 -37.67 30.84 30.82
CA LEU B 159 -36.56 31.79 30.68
C LEU B 159 -37.02 33.25 30.46
N LYS B 160 -38.32 33.47 30.59
CA LYS B 160 -38.92 34.82 30.50
C LYS B 160 -38.39 35.56 29.28
N ASN B 161 -38.60 34.98 28.11
CA ASN B 161 -37.93 35.42 26.90
C ASN B 161 -38.90 35.62 25.75
N ASP B 162 -39.10 36.88 25.35
CA ASP B 162 -40.10 37.18 24.34
C ASP B 162 -39.71 36.73 22.94
N THR B 163 -38.40 36.71 22.68
CA THR B 163 -37.88 36.25 21.39
C THR B 163 -38.22 34.78 21.21
N TYR B 164 -38.01 33.97 22.25
CA TYR B 164 -38.39 32.56 22.12
C TYR B 164 -39.88 32.41 21.82
N LEU B 165 -40.75 33.20 22.47
CA LEU B 165 -42.19 33.09 22.19
C LEU B 165 -42.53 33.48 20.75
N ARG B 166 -41.85 34.52 20.26
CA ARG B 166 -42.09 34.95 18.89
C ARG B 166 -41.75 33.83 17.90
N TYR B 167 -40.59 33.20 18.07
CA TYR B 167 -40.25 32.09 17.17
C TYR B 167 -41.12 30.85 17.41
N ALA B 168 -41.52 30.62 18.66
CA ALA B 168 -42.43 29.49 18.90
C ALA B 168 -43.72 29.64 18.09
N LYS B 169 -44.30 30.84 18.11
CA LYS B 169 -45.52 31.10 17.32
C LYS B 169 -45.30 30.92 15.83
N LYS B 170 -44.21 31.48 15.35
CA LYS B 170 -43.89 31.42 13.93
C LYS B 170 -43.69 29.97 13.49
N TYR B 171 -42.96 29.19 14.29
CA TYR B 171 -42.75 27.79 13.95
C TYR B 171 -44.05 26.98 14.03
N PHE B 172 -44.87 27.24 15.04
CA PHE B 172 -46.13 26.51 15.17
C PHE B 172 -46.99 26.78 13.93
N GLU B 173 -47.11 28.06 13.57
CA GLU B 173 -47.88 28.44 12.37
C GLU B 173 -47.35 27.77 11.10
N LEU B 174 -46.03 27.67 10.97
CA LEU B 174 -45.43 26.99 9.83
C LEU B 174 -45.77 25.50 9.85
N ALA B 175 -45.64 24.85 11.00
CA ALA B 175 -45.97 23.44 11.11
C ALA B 175 -47.46 23.21 10.80
N ASP B 176 -48.32 24.07 11.34
CA ASP B 176 -49.78 23.93 11.19
C ASP B 176 -50.24 24.23 9.77
N ALA B 177 -49.53 25.11 9.07
CA ALA B 177 -49.89 25.41 7.68
C ALA B 177 -49.49 24.28 6.75
N THR B 178 -48.38 23.62 7.11
CA THR B 178 -47.72 22.67 6.23
C THR B 178 -48.43 21.31 6.31
N ARG B 179 -48.76 20.88 7.53
CA ARG B 179 -49.43 19.60 7.74
C ARG B 179 -48.91 18.48 6.86
N SER B 180 -47.59 18.32 6.90
CA SER B 180 -46.89 17.32 6.13
C SER B 180 -45.46 17.14 6.63
N ASP B 181 -45.01 15.88 6.66
CA ASP B 181 -43.60 15.59 6.92
C ASP B 181 -42.86 15.31 5.62
N SER B 182 -43.44 15.67 4.47
CA SER B 182 -42.82 15.32 3.20
C SER B 182 -41.46 15.98 2.98
N THR B 183 -41.25 17.16 3.56
CA THR B 183 -39.97 17.83 3.41
C THR B 183 -38.93 17.45 4.47
N TYR B 184 -39.23 16.44 5.30
CA TYR B 184 -38.31 15.98 6.35
C TYR B 184 -37.72 14.67 5.84
N THR B 185 -36.52 14.75 5.27
CA THR B 185 -35.90 13.61 4.56
C THR B 185 -34.56 13.20 5.14
N ALA B 186 -33.78 14.16 5.64
CA ALA B 186 -32.37 13.90 5.93
C ALA B 186 -32.15 13.05 7.19
N ALA B 187 -33.19 12.96 8.02
CA ALA B 187 -33.06 12.16 9.24
C ALA B 187 -33.55 10.74 9.03
N ASN B 188 -33.90 10.37 7.80
CA ASN B 188 -34.51 9.07 7.59
C ASN B 188 -33.70 7.92 8.22
N GLY B 189 -34.37 7.06 8.98
CA GLY B 189 -33.70 5.89 9.52
C GLY B 189 -32.94 6.17 10.82
N PHE B 190 -32.80 7.46 11.14
CA PHE B 190 -32.19 7.90 12.40
C PHE B 190 -33.30 8.43 13.29
N TYR B 191 -34.00 9.46 12.80
CA TYR B 191 -35.13 10.05 13.51
C TYR B 191 -36.28 10.26 12.53
N SER B 192 -36.67 9.21 11.81
CA SER B 192 -37.87 9.32 10.98
C SER B 192 -39.10 9.68 11.79
N SER B 193 -40.05 10.34 11.14
CA SER B 193 -41.31 10.64 11.80
C SER B 193 -42.18 9.38 11.74
N HIS B 194 -42.29 8.67 12.85
CA HIS B 194 -43.02 7.39 12.86
C HIS B 194 -44.51 7.58 13.14
N SER B 195 -44.81 8.47 14.08
CA SER B 195 -46.18 8.69 14.53
C SER B 195 -46.91 9.71 13.66
N GLY B 196 -46.18 10.36 12.78
CA GLY B 196 -46.80 11.47 12.03
C GLY B 196 -46.68 12.73 12.86
N PHE B 197 -47.37 13.79 12.43
CA PHE B 197 -47.12 15.11 13.00
C PHE B 197 -48.25 15.67 13.86
N TRP B 198 -49.39 14.99 13.96
CA TRP B 198 -50.49 15.56 14.75
C TRP B 198 -50.14 15.71 16.22
N ASP B 199 -49.34 14.77 16.74
CA ASP B 199 -48.95 14.87 18.14
C ASP B 199 -48.07 16.09 18.42
N GLU B 200 -47.18 16.42 17.49
CA GLU B 200 -46.38 17.64 17.66
C GLU B 200 -47.24 18.89 17.66
N LEU B 201 -48.26 18.93 16.81
CA LEU B 201 -49.11 20.11 16.76
C LEU B 201 -49.89 20.22 18.08
N LEU B 202 -50.33 19.07 18.59
CA LEU B 202 -50.95 19.04 19.92
C LEU B 202 -50.01 19.54 21.02
N TRP B 203 -48.77 19.04 21.03
CA TRP B 203 -47.80 19.42 22.06
C TRP B 203 -47.45 20.90 21.98
N ALA B 204 -47.19 21.39 20.77
CA ALA B 204 -46.83 22.81 20.61
C ALA B 204 -48.00 23.74 20.97
N SER B 205 -49.19 23.40 20.51
CA SER B 205 -50.34 24.28 20.81
C SER B 205 -50.66 24.28 22.30
N THR B 206 -50.45 23.12 22.94
CA THR B 206 -50.65 23.04 24.39
C THR B 206 -49.66 23.96 25.10
N TRP B 207 -48.39 23.88 24.70
CA TRP B 207 -47.41 24.78 25.33
C TRP B 207 -47.67 26.26 25.03
N LEU B 208 -48.14 26.56 23.81
CA LEU B 208 -48.50 27.95 23.49
C LEU B 208 -49.66 28.45 24.34
N TYR B 209 -50.60 27.56 24.64
CA TYR B 209 -51.69 27.94 25.56
C TYR B 209 -51.11 28.25 26.93
N LEU B 210 -50.21 27.39 27.40
CA LEU B 210 -49.66 27.58 28.75
C LEU B 210 -48.80 28.83 28.80
N ALA B 211 -48.24 29.22 27.66
CA ALA B 211 -47.37 30.39 27.63
C ALA B 211 -48.18 31.67 27.56
N THR B 212 -49.29 31.65 26.84
CA THR B 212 -50.02 32.88 26.47
C THR B 212 -51.32 33.07 27.22
N GLY B 213 -51.95 31.96 27.62
CA GLY B 213 -53.30 31.99 28.18
C GLY B 213 -54.36 32.22 27.12
N ASP B 214 -53.96 32.22 25.85
CA ASP B 214 -54.87 32.48 24.74
C ASP B 214 -55.64 31.21 24.43
N ARG B 215 -56.93 31.21 24.79
CA ARG B 215 -57.78 30.03 24.63
C ARG B 215 -57.89 29.56 23.19
N ASN B 216 -57.56 30.41 22.22
CA ASN B 216 -57.48 29.91 20.85
C ASN B 216 -56.48 28.76 20.70
N TYR B 217 -55.41 28.79 21.50
CA TYR B 217 -54.42 27.70 21.39
C TYR B 217 -54.97 26.45 22.05
N LEU B 218 -55.74 26.63 23.11
CA LEU B 218 -56.40 25.48 23.75
C LEU B 218 -57.37 24.85 22.77
N ASP B 219 -58.16 25.68 22.07
CA ASP B 219 -59.06 25.13 21.06
C ASP B 219 -58.34 24.39 19.95
N LYS B 220 -57.21 24.92 19.47
CA LYS B 220 -56.43 24.19 18.48
C LYS B 220 -55.96 22.85 19.07
N ALA B 221 -55.44 22.87 20.28
CA ALA B 221 -54.94 21.63 20.90
C ALA B 221 -56.03 20.57 20.93
N GLU B 222 -57.21 20.95 21.40
CA GLU B 222 -58.27 19.96 21.50
C GLU B 222 -58.76 19.48 20.14
N SER B 223 -58.64 20.32 19.12
CA SER B 223 -58.98 19.94 17.75
C SER B 223 -58.09 18.84 17.18
N TYR B 224 -56.90 18.66 17.75
CA TYR B 224 -55.98 17.67 17.22
C TYR B 224 -56.16 16.29 17.82
N THR B 225 -56.85 16.18 18.95
CA THR B 225 -56.86 14.89 19.63
C THR B 225 -57.58 13.79 18.84
N PRO B 226 -58.63 14.11 18.05
CA PRO B 226 -59.23 13.07 17.22
C PRO B 226 -58.33 12.62 16.06
N LYS B 227 -57.26 13.38 15.80
CA LYS B 227 -56.33 13.00 14.74
C LYS B 227 -55.17 12.13 15.22
N LEU B 228 -55.06 11.98 16.53
CA LEU B 228 -54.01 11.13 17.10
C LEU B 228 -54.21 9.68 16.68
N ASN B 229 -53.10 8.94 16.63
CA ASN B 229 -53.16 7.51 16.32
C ASN B 229 -53.96 6.78 17.39
N ARG B 230 -54.65 5.74 16.94
CA ARG B 230 -55.42 4.90 17.84
C ARG B 230 -54.56 3.77 18.39
N GLN B 231 -55.03 3.16 19.48
CA GLN B 231 -54.40 1.97 20.02
C GLN B 231 -54.90 0.77 19.22
N ASN B 232 -54.01 0.20 18.45
CA ASN B 232 -54.31 -0.94 17.58
C ASN B 232 -55.53 -0.65 16.73
N GLN B 233 -56.52 -1.53 16.69
CA GLN B 233 -57.68 -1.23 15.83
C GLN B 233 -58.86 -0.75 16.67
N THR B 234 -58.60 -0.02 17.75
CA THR B 234 -59.65 0.43 18.66
C THR B 234 -59.92 1.92 18.51
N THR B 235 -60.90 2.43 19.23
CA THR B 235 -61.22 3.85 19.20
C THR B 235 -60.43 4.68 20.22
N ASP B 236 -59.70 4.02 21.12
CA ASP B 236 -58.90 4.71 22.13
C ASP B 236 -57.67 5.34 21.51
N ILE B 237 -57.28 6.52 22.01
CA ILE B 237 -55.99 7.11 21.62
C ILE B 237 -54.87 6.16 22.02
N GLU B 238 -53.84 6.04 21.19
CA GLU B 238 -52.72 5.19 21.52
C GLU B 238 -52.13 5.52 22.89
N TYR B 239 -51.97 4.49 23.71
CA TYR B 239 -51.42 4.71 25.06
C TYR B 239 -50.28 3.76 25.42
N GLN B 240 -50.07 2.70 24.63
CA GLN B 240 -49.06 1.68 24.91
C GLN B 240 -47.69 2.01 24.31
N TRP B 241 -47.16 3.15 24.73
CA TRP B 241 -45.79 3.51 24.32
C TRP B 241 -45.36 4.57 25.34
N ALA B 242 -44.19 5.18 25.09
CA ALA B 242 -43.68 6.23 25.97
C ALA B 242 -43.70 7.60 25.28
N HIS B 243 -43.89 8.64 26.08
CA HIS B 243 -43.55 10.01 25.67
C HIS B 243 -42.08 10.00 25.24
N CYS B 244 -41.80 10.53 24.05
CA CYS B 244 -40.47 10.43 23.48
C CYS B 244 -40.29 11.42 22.34
N TRP B 245 -39.08 11.44 21.79
CA TRP B 245 -38.74 12.39 20.74
C TRP B 245 -39.70 12.36 19.55
N ASP B 246 -40.31 11.21 19.26
CA ASP B 246 -41.20 11.07 18.10
C ASP B 246 -42.66 11.39 18.40
N ASP B 247 -43.01 11.37 19.70
CA ASP B 247 -44.42 11.41 20.06
C ASP B 247 -44.62 11.93 21.49
N CYS B 248 -45.05 13.17 21.57
CA CYS B 248 -45.23 13.83 22.86
C CYS B 248 -46.72 13.92 23.23
N HIS B 249 -47.60 13.16 22.59
CA HIS B 249 -49.02 13.34 22.94
C HIS B 249 -49.28 12.92 24.38
N TYR B 250 -48.50 11.97 24.89
CA TYR B 250 -48.66 11.51 26.27
C TYR B 250 -48.57 12.66 27.26
N GLY B 251 -47.46 13.38 27.24
CA GLY B 251 -47.29 14.54 28.11
C GLY B 251 -48.28 15.65 27.84
N ALA B 252 -48.65 15.86 26.58
CA ALA B 252 -49.65 16.87 26.25
C ALA B 252 -51.00 16.58 26.95
N MET B 253 -51.43 15.32 26.90
CA MET B 253 -52.67 14.93 27.55
C MET B 253 -52.64 15.18 29.07
N ILE B 254 -51.50 14.90 29.70
CA ILE B 254 -51.31 15.16 31.13
C ILE B 254 -51.42 16.65 31.40
N LEU B 255 -50.79 17.45 30.55
CA LEU B 255 -50.85 18.90 30.76
C LEU B 255 -52.27 19.41 30.58
N LEU B 256 -53.02 18.79 29.65
CA LEU B 256 -54.39 19.20 29.39
C LEU B 256 -55.33 18.75 30.50
N ALA B 257 -55.04 17.61 31.12
CA ALA B 257 -55.80 17.20 32.29
C ALA B 257 -55.73 18.25 33.38
N ARG B 258 -54.52 18.75 33.63
CA ARG B 258 -54.33 19.73 34.70
C ARG B 258 -54.92 21.08 34.29
N ALA B 259 -54.71 21.45 33.04
CA ALA B 259 -55.15 22.78 32.61
C ALA B 259 -56.65 22.90 32.44
N THR B 260 -57.32 21.82 32.05
CA THR B 260 -58.77 21.87 31.76
C THR B 260 -59.63 21.18 32.80
N GLY B 261 -59.05 20.25 33.54
CA GLY B 261 -59.79 19.38 34.46
C GLY B 261 -60.70 18.37 33.80
N LYS B 262 -60.71 18.32 32.48
CA LYS B 262 -61.67 17.47 31.76
C LYS B 262 -61.39 15.98 31.90
N GLU B 263 -62.47 15.24 32.16
CA GLU B 263 -62.41 13.81 32.38
C GLU B 263 -61.68 13.03 31.28
N GLU B 264 -61.86 13.43 30.01
CA GLU B 264 -61.22 12.68 28.94
C GLU B 264 -59.70 12.63 29.09
N TYR B 265 -59.11 13.72 29.57
CA TYR B 265 -57.64 13.75 29.68
C TYR B 265 -57.17 12.94 30.89
N HIS B 266 -57.92 13.02 31.99
CA HIS B 266 -57.59 12.20 33.14
C HIS B 266 -57.75 10.70 32.86
N LYS B 267 -58.81 10.35 32.13
CA LYS B 267 -59.01 8.95 31.76
C LYS B 267 -57.84 8.48 30.91
N PHE B 268 -57.41 9.28 29.95
CA PHE B 268 -56.26 8.92 29.15
C PHE B 268 -55.00 8.79 30.01
N ALA B 269 -54.74 9.79 30.84
CA ALA B 269 -53.53 9.83 31.66
C ALA B 269 -53.44 8.58 32.53
N GLN B 270 -54.57 8.17 33.11
CA GLN B 270 -54.55 7.01 33.99
C GLN B 270 -54.46 5.70 33.23
N MET B 271 -55.08 5.61 32.06
CA MET B 271 -54.95 4.42 31.22
C MET B 271 -53.48 4.22 30.83
N HIS B 272 -52.87 5.29 30.35
CA HIS B 272 -51.48 5.28 29.91
C HIS B 272 -50.56 4.94 31.07
N LEU B 273 -50.67 5.70 32.18
CA LEU B 273 -49.77 5.47 33.29
C LEU B 273 -50.00 4.10 33.95
N ASP B 274 -51.26 3.67 34.06
CA ASP B 274 -51.51 2.32 34.59
C ASP B 274 -50.84 1.24 33.76
N TRP B 275 -50.83 1.41 32.44
CA TRP B 275 -50.19 0.44 31.56
C TRP B 275 -48.69 0.34 31.84
N TRP B 276 -48.11 1.43 32.34
CA TRP B 276 -46.69 1.42 32.71
C TRP B 276 -46.38 0.83 34.09
N THR B 277 -47.36 0.82 34.98
CA THR B 277 -47.16 0.33 36.34
C THR B 277 -47.21 -1.20 36.38
N PRO B 278 -46.65 -1.80 37.44
CA PRO B 278 -46.72 -3.23 37.58
C PRO B 278 -48.15 -3.76 37.67
N GLN B 279 -49.09 -2.93 38.14
CA GLN B 279 -50.49 -3.34 38.28
C GLN B 279 -51.23 -3.35 36.94
N GLY B 280 -50.71 -2.63 35.96
CA GLY B 280 -51.29 -2.68 34.62
C GLY B 280 -52.59 -1.93 34.42
N TYR B 281 -53.06 -1.97 33.18
CA TYR B 281 -54.35 -1.42 32.80
C TYR B 281 -55.22 -2.54 32.26
N ASN B 282 -56.25 -2.92 33.02
CA ASN B 282 -57.15 -3.99 32.59
C ASN B 282 -56.42 -5.28 32.21
N GLY B 283 -55.33 -5.59 32.91
CA GLY B 283 -54.55 -6.79 32.64
C GLY B 283 -53.47 -6.62 31.58
N LYS B 284 -53.37 -5.41 31.04
CA LYS B 284 -52.35 -5.12 30.02
C LYS B 284 -51.28 -4.22 30.61
N ARG B 285 -50.04 -4.51 30.24
CA ARG B 285 -48.92 -3.80 30.86
C ARG B 285 -47.69 -3.87 29.95
N VAL B 286 -46.87 -2.83 30.07
CA VAL B 286 -45.51 -2.86 29.50
C VAL B 286 -44.75 -4.08 30.04
N ALA B 287 -43.83 -4.61 29.22
CA ALA B 287 -42.97 -5.69 29.73
C ALA B 287 -42.16 -5.18 30.91
N TYR B 288 -41.88 -6.06 31.87
CA TYR B 288 -40.98 -5.75 32.99
C TYR B 288 -39.83 -6.75 33.02
N THR B 289 -38.63 -6.27 33.32
CA THR B 289 -37.53 -7.20 33.57
C THR B 289 -37.74 -7.81 34.95
N PRO B 290 -37.09 -8.96 35.22
CA PRO B 290 -37.20 -9.56 36.54
C PRO B 290 -36.67 -8.63 37.64
N GLY B 291 -35.72 -7.78 37.26
CA GLY B 291 -35.18 -6.81 38.20
C GLY B 291 -36.01 -5.57 38.41
N GLY B 292 -37.10 -5.42 37.68
CA GLY B 292 -38.06 -4.35 37.94
C GLY B 292 -38.02 -3.13 37.03
N LEU B 293 -37.31 -3.23 35.91
CA LEU B 293 -37.31 -2.19 34.89
C LEU B 293 -38.46 -2.37 33.91
N ALA B 294 -39.24 -1.30 33.73
CA ALA B 294 -40.27 -1.33 32.69
C ALA B 294 -39.53 -1.19 31.36
N HIS B 295 -39.70 -2.17 30.47
CA HIS B 295 -38.81 -2.36 29.34
C HIS B 295 -39.62 -2.33 28.04
N LEU B 296 -39.64 -1.15 27.42
CA LEU B 296 -40.51 -0.91 26.27
C LEU B 296 -40.00 -1.46 24.96
N ASP B 297 -38.68 -1.40 24.79
CA ASP B 297 -38.06 -1.74 23.49
C ASP B 297 -36.59 -2.05 23.74
N THR B 298 -35.96 -2.72 22.77
CA THR B 298 -34.52 -3.02 22.77
C THR B 298 -33.66 -1.76 22.89
N TRP B 299 -34.07 -0.72 22.17
CA TRP B 299 -33.33 0.53 22.10
C TRP B 299 -33.72 1.51 23.20
N GLY B 300 -32.73 1.99 23.97
CA GLY B 300 -32.98 3.01 25.00
C GLY B 300 -34.08 2.71 26.00
N PRO B 301 -34.10 1.50 26.62
CA PRO B 301 -35.16 1.24 27.58
C PRO B 301 -35.10 2.17 28.79
N LEU B 302 -33.89 2.55 29.23
CA LEU B 302 -33.81 3.44 30.39
C LEU B 302 -34.37 4.83 30.03
N ARG B 303 -34.05 5.30 28.82
CA ARG B 303 -34.65 6.54 28.30
C ARG B 303 -36.17 6.55 28.41
N TYR B 304 -36.81 5.47 27.95
CA TYR B 304 -38.28 5.45 27.96
C TYR B 304 -38.80 5.40 29.39
N ALA B 305 -38.20 4.54 30.23
CA ALA B 305 -38.71 4.38 31.59
C ALA B 305 -38.50 5.61 32.45
N THR B 306 -37.35 6.26 32.30
CA THR B 306 -37.10 7.45 33.10
C THR B 306 -37.94 8.62 32.62
N THR B 307 -38.27 8.64 31.32
CA THR B 307 -39.18 9.68 30.82
C THR B 307 -40.58 9.47 31.41
N GLU B 308 -41.07 8.23 31.39
CA GLU B 308 -42.35 7.95 32.00
C GLU B 308 -42.35 8.26 33.50
N ALA B 309 -41.22 8.02 34.18
CA ALA B 309 -41.12 8.44 35.58
C ALA B 309 -41.41 9.94 35.73
N PHE B 310 -40.85 10.78 34.88
CA PHE B 310 -41.16 12.20 34.98
C PHE B 310 -42.65 12.50 34.77
N LEU B 311 -43.25 11.90 33.74
CA LEU B 311 -44.69 12.11 33.49
C LEU B 311 -45.53 11.65 34.68
N ALA B 312 -45.18 10.50 35.24
CA ALA B 312 -45.89 9.97 36.40
C ALA B 312 -45.76 10.91 37.59
N PHE B 313 -44.57 11.47 37.82
CA PHE B 313 -44.40 12.44 38.89
C PHE B 313 -45.29 13.66 38.66
N VAL B 314 -45.28 14.17 37.44
CA VAL B 314 -46.06 15.37 37.18
C VAL B 314 -47.55 15.08 37.36
N TYR B 315 -48.01 13.95 36.85
CA TYR B 315 -49.45 13.68 36.97
C TYR B 315 -49.81 13.45 38.44
N ALA B 316 -48.98 12.71 39.16
CA ALA B 316 -49.25 12.42 40.57
C ALA B 316 -49.30 13.71 41.37
N ASP B 317 -48.41 14.65 41.07
CA ASP B 317 -48.39 15.92 41.80
C ASP B 317 -49.63 16.75 41.48
N SER B 318 -50.31 16.44 40.37
CA SER B 318 -51.45 17.23 39.90
CA SER B 318 -51.44 17.22 39.89
C SER B 318 -52.80 16.74 40.41
N ILE B 319 -52.82 15.57 41.05
CA ILE B 319 -54.09 15.00 41.52
C ILE B 319 -54.09 14.89 43.05
N ASN B 320 -55.23 14.52 43.63
CA ASN B 320 -55.38 14.44 45.09
C ASN B 320 -55.55 13.04 45.68
N ASP B 321 -55.81 12.05 44.84
CA ASP B 321 -56.12 10.70 45.31
C ASP B 321 -54.86 10.03 45.85
N PRO B 322 -54.79 9.78 47.16
CA PRO B 322 -53.56 9.28 47.78
C PRO B 322 -53.15 7.90 47.26
N ALA B 323 -54.11 7.06 46.91
CA ALA B 323 -53.82 5.74 46.38
C ALA B 323 -53.14 5.81 45.01
N LEU B 324 -53.73 6.60 44.11
CA LEU B 324 -53.18 6.81 42.78
C LEU B 324 -51.82 7.50 42.85
N LYS B 325 -51.74 8.52 43.70
CA LYS B 325 -50.49 9.28 43.84
C LYS B 325 -49.38 8.33 44.26
N GLN B 326 -49.66 7.50 45.26
CA GLN B 326 -48.67 6.54 45.73
C GLN B 326 -48.29 5.54 44.63
N LYS B 327 -49.28 5.08 43.86
CA LYS B 327 -49.02 4.09 42.81
C LYS B 327 -48.06 4.68 41.78
N TYR B 328 -48.35 5.91 41.36
CA TYR B 328 -47.55 6.52 40.29
C TYR B 328 -46.20 6.97 40.81
N TYR B 329 -46.15 7.48 42.03
CA TYR B 329 -44.88 7.87 42.64
C TYR B 329 -43.95 6.67 42.81
N ASN B 330 -44.49 5.57 43.32
CA ASN B 330 -43.71 4.34 43.49
C ASN B 330 -43.15 3.86 42.16
N PHE B 331 -43.98 3.89 41.11
CA PHE B 331 -43.53 3.52 39.77
C PHE B 331 -42.36 4.42 39.37
N ALA B 332 -42.61 5.73 39.40
CA ALA B 332 -41.58 6.67 38.97
C ALA B 332 -40.25 6.49 39.69
N LYS B 333 -40.30 6.48 41.02
CA LYS B 333 -39.06 6.38 41.79
C LYS B 333 -38.36 5.04 41.55
N SER B 334 -39.16 3.99 41.32
CA SER B 334 -38.57 2.67 41.06
C SER B 334 -37.75 2.69 39.77
N GLN B 335 -38.20 3.45 38.77
CA GLN B 335 -37.50 3.45 37.47
C GLN B 335 -36.24 4.29 37.58
N ILE B 336 -36.33 5.46 38.20
CA ILE B 336 -35.13 6.29 38.38
C ILE B 336 -34.13 5.51 39.24
N ASP B 337 -34.61 4.90 40.33
CA ASP B 337 -33.69 4.18 41.19
C ASP B 337 -33.02 3.00 40.50
N TYR B 338 -33.74 2.30 39.62
CA TYR B 338 -33.13 1.24 38.81
C TYR B 338 -31.95 1.82 38.02
N ALA B 339 -32.16 2.98 37.38
CA ALA B 339 -31.10 3.57 36.58
C ALA B 339 -29.88 3.97 37.39
N LEU B 340 -30.09 4.27 38.67
CA LEU B 340 -29.00 4.77 39.51
C LEU B 340 -28.31 3.65 40.28
N GLY B 341 -28.86 2.44 40.21
CA GLY B 341 -28.22 1.34 40.93
C GLY B 341 -29.10 0.32 41.63
N SER B 342 -30.42 0.51 41.67
CA SER B 342 -31.33 -0.44 42.31
C SER B 342 -31.74 -1.49 41.28
N ASN B 343 -30.80 -2.39 40.99
CA ASN B 343 -30.99 -3.40 39.94
C ASN B 343 -30.17 -4.64 40.31
N PRO B 344 -30.31 -5.74 39.55
CA PRO B 344 -29.68 -6.99 39.98
C PRO B 344 -28.16 -6.89 40.13
N ASP B 345 -27.55 -5.93 39.44
CA ASP B 345 -26.10 -5.74 39.52
C ASP B 345 -25.69 -4.61 40.47
N ASN B 346 -26.65 -3.96 41.12
CA ASN B 346 -26.37 -2.88 42.06
C ASN B 346 -25.53 -1.79 41.40
N ARG B 347 -25.73 -1.57 40.10
CA ARG B 347 -24.80 -0.70 39.39
C ARG B 347 -25.50 0.46 38.72
N SER B 348 -24.84 1.62 38.77
CA SER B 348 -25.32 2.79 38.06
C SER B 348 -25.24 2.61 36.55
N TYR B 349 -26.27 3.11 35.86
CA TYR B 349 -26.27 3.21 34.41
C TYR B 349 -26.01 4.66 33.98
N VAL B 350 -25.49 5.48 34.89
CA VAL B 350 -25.18 6.88 34.55
C VAL B 350 -23.66 7.00 34.61
N VAL B 351 -23.04 7.28 33.47
CA VAL B 351 -21.58 7.48 33.43
C VAL B 351 -21.10 8.47 34.53
N GLY B 352 -20.04 8.08 35.24
CA GLY B 352 -19.40 8.98 36.20
C GLY B 352 -20.20 9.22 37.46
N PHE B 353 -21.21 8.39 37.69
CA PHE B 353 -22.04 8.49 38.90
C PHE B 353 -22.23 7.14 39.59
N GLY B 354 -22.16 7.14 40.92
CA GLY B 354 -22.64 5.97 41.66
C GLY B 354 -21.71 4.78 41.64
N ASN B 355 -22.26 3.60 41.92
CA ASN B 355 -21.43 2.39 41.96
C ASN B 355 -21.26 1.72 40.60
N ASN B 356 -20.01 1.45 40.23
CA ASN B 356 -19.72 0.69 39.00
C ASN B 356 -20.48 1.24 37.78
N PRO B 357 -20.33 2.54 37.49
CA PRO B 357 -21.00 3.08 36.31
C PRO B 357 -20.35 2.63 35.01
N PRO B 358 -21.05 2.78 33.89
CA PRO B 358 -20.47 2.43 32.59
C PRO B 358 -19.25 3.31 32.35
N GLN B 359 -18.19 2.71 31.78
CA GLN B 359 -16.96 3.43 31.51
C GLN B 359 -16.63 3.50 30.01
N ARG B 360 -17.41 2.79 29.21
CA ARG B 360 -17.18 2.73 27.77
C ARG B 360 -18.43 3.14 26.98
N PRO B 361 -19.00 4.31 27.32
CA PRO B 361 -20.14 4.71 26.50
C PRO B 361 -19.78 4.89 25.01
N HIS B 362 -20.77 4.68 24.14
CA HIS B 362 -20.55 4.76 22.70
C HIS B 362 -20.53 6.23 22.30
N HIS B 363 -19.42 6.91 22.60
CA HIS B 363 -19.35 8.37 22.47
C HIS B 363 -17.95 8.71 21.97
N ARG B 364 -17.91 9.30 20.78
CA ARG B 364 -16.63 9.48 20.08
C ARG B 364 -15.73 10.45 20.84
N THR B 365 -16.28 11.61 21.19
CA THR B 365 -15.42 12.64 21.75
C THR B 365 -14.98 12.32 23.19
N ALA B 366 -15.82 11.66 23.97
CA ALA B 366 -15.38 11.29 25.31
C ALA B 366 -14.31 10.19 25.22
N HIS B 367 -14.41 9.35 24.20
CA HIS B 367 -13.40 8.29 24.03
C HIS B 367 -12.00 8.86 23.79
N GLY B 368 -11.90 9.80 22.85
CA GLY B 368 -10.64 10.52 22.62
C GLY B 368 -9.63 9.71 21.83
N THR B 369 -10.04 9.08 20.73
CA THR B 369 -9.07 8.38 19.89
C THR B 369 -8.29 9.32 18.97
N TRP B 370 -7.23 8.78 18.37
CA TRP B 370 -6.48 9.51 17.34
C TRP B 370 -6.42 8.69 16.05
N LEU B 371 -7.05 7.50 16.04
CA LEU B 371 -6.81 6.46 15.03
C LEU B 371 -8.03 5.99 14.27
N ASP B 372 -9.20 6.63 14.45
CA ASP B 372 -10.44 6.16 13.84
C ASP B 372 -10.67 4.69 14.16
N LYS B 373 -10.51 4.36 15.44
CA LYS B 373 -10.81 3.02 15.96
C LYS B 373 -11.53 3.14 17.30
N ARG B 374 -12.39 2.17 17.59
CA ARG B 374 -13.05 2.15 18.91
C ARG B 374 -12.20 1.40 19.94
N ASP B 375 -11.32 0.52 19.48
CA ASP B 375 -10.64 -0.34 20.46
C ASP B 375 -9.38 0.30 21.05
N ILE B 376 -8.91 1.39 20.44
CA ILE B 376 -7.73 2.10 20.92
C ILE B 376 -8.07 3.59 20.96
N PRO B 377 -7.87 4.25 22.10
CA PRO B 377 -7.42 3.68 23.38
C PRO B 377 -8.44 2.74 24.03
N GLU B 378 -7.96 1.77 24.80
CA GLU B 378 -8.85 0.77 25.39
C GLU B 378 -9.70 1.34 26.53
N LYS B 379 -9.29 2.48 27.09
CA LYS B 379 -10.06 3.17 28.13
C LYS B 379 -10.41 4.56 27.60
N HIS B 380 -11.58 5.06 27.93
CA HIS B 380 -11.95 6.41 27.51
C HIS B 380 -11.03 7.43 28.15
N ARG B 381 -10.58 8.42 27.37
CA ARG B 381 -9.71 9.46 27.91
C ARG B 381 -10.44 10.51 28.72
N HIS B 382 -11.76 10.57 28.53
CA HIS B 382 -12.60 11.54 29.22
C HIS B 382 -13.81 10.92 29.89
N VAL B 383 -14.30 11.61 30.92
CA VAL B 383 -15.51 11.17 31.64
C VAL B 383 -16.77 11.90 31.17
N LEU B 384 -17.68 11.12 30.59
CA LEU B 384 -18.95 11.66 30.09
C LEU B 384 -19.94 11.72 31.24
N TYR B 385 -19.63 12.54 32.25
CA TYR B 385 -20.46 12.58 33.44
C TYR B 385 -21.92 12.83 33.11
N GLY B 386 -22.78 12.07 33.78
CA GLY B 386 -24.21 12.27 33.70
C GLY B 386 -24.96 11.57 32.58
N ALA B 387 -24.27 10.96 31.62
CA ALA B 387 -24.95 10.31 30.50
C ALA B 387 -25.66 9.04 30.97
N LEU B 388 -26.96 8.99 30.73
CA LEU B 388 -27.73 7.78 31.00
C LEU B 388 -27.56 6.90 29.77
N VAL B 389 -27.03 5.70 29.96
CA VAL B 389 -26.86 4.81 28.79
C VAL B 389 -28.17 4.15 28.35
N GLY B 390 -28.16 3.53 27.18
CA GLY B 390 -29.30 2.75 26.67
C GLY B 390 -29.84 1.80 27.73
N GLY B 391 -28.97 0.98 28.31
CA GLY B 391 -29.37 0.13 29.44
C GLY B 391 -29.45 -1.34 29.07
N PRO B 392 -29.99 -2.15 30.00
CA PRO B 392 -29.90 -3.60 29.87
C PRO B 392 -30.96 -4.15 28.92
N GLY B 393 -30.86 -5.44 28.61
CA GLY B 393 -31.88 -6.13 27.83
C GLY B 393 -33.06 -6.49 28.72
N ARG B 394 -34.03 -7.18 28.14
CA ARG B 394 -35.29 -7.49 28.81
C ARG B 394 -35.09 -8.48 29.96
N ASP B 395 -33.93 -9.10 29.99
CA ASP B 395 -33.58 -10.04 31.05
C ASP B 395 -32.61 -9.42 32.06
N ASP B 396 -32.51 -8.08 32.05
CA ASP B 396 -31.53 -7.34 32.86
C ASP B 396 -30.06 -7.56 32.45
N SER B 397 -29.79 -8.16 31.30
CA SER B 397 -28.40 -8.41 30.88
C SER B 397 -27.73 -7.14 30.36
N TYR B 398 -26.44 -7.02 30.61
CA TYR B 398 -25.71 -5.82 30.17
C TYR B 398 -24.22 -6.07 30.31
N GLU B 399 -23.45 -5.59 29.34
CA GLU B 399 -21.99 -5.54 29.46
C GLU B 399 -21.54 -4.18 28.97
N ASP B 400 -20.62 -3.56 29.72
CA ASP B 400 -20.09 -2.24 29.36
C ASP B 400 -19.03 -2.41 28.27
N ASN B 401 -19.42 -2.09 27.04
CA ASN B 401 -18.64 -2.41 25.85
C ASN B 401 -18.89 -1.28 24.86
N ILE B 402 -17.81 -0.66 24.40
CA ILE B 402 -17.93 0.46 23.47
C ILE B 402 -18.57 0.02 22.16
N GLU B 403 -18.44 -1.27 21.84
CA GLU B 403 -19.02 -1.81 20.62
C GLU B 403 -20.53 -2.01 20.70
N ASP B 404 -21.09 -1.96 21.91
CA ASP B 404 -22.54 -2.17 22.03
C ASP B 404 -23.22 -0.83 21.83
N TYR B 405 -23.54 -0.54 20.57
CA TYR B 405 -24.12 0.74 20.17
C TYR B 405 -25.60 0.80 20.55
N VAL B 406 -26.11 -0.28 21.14
CA VAL B 406 -27.48 -0.30 21.65
C VAL B 406 -27.43 -0.01 23.15
N LYS B 407 -26.80 -0.90 23.92
CA LYS B 407 -26.88 -0.78 25.39
C LYS B 407 -26.05 0.40 25.90
N ASN B 408 -24.97 0.74 25.18
CA ASN B 408 -24.12 1.84 25.61
C ASN B 408 -24.29 3.10 24.75
N GLU B 409 -25.39 3.19 24.00
CA GLU B 409 -25.76 4.46 23.35
C GLU B 409 -26.00 5.53 24.44
N VAL B 410 -25.72 6.79 24.12
CA VAL B 410 -26.02 7.92 25.01
C VAL B 410 -26.60 8.99 24.09
N ALA B 411 -27.50 9.83 24.59
CA ALA B 411 -28.12 10.84 23.70
C ALA B 411 -28.80 11.96 24.48
N CYS B 412 -28.95 13.10 23.80
CA CYS B 412 -29.76 14.19 24.37
C CYS B 412 -31.11 13.70 24.87
N ASP B 413 -31.83 12.90 24.07
CA ASP B 413 -33.18 12.52 24.47
C ASP B 413 -33.17 11.52 25.61
N TYR B 414 -32.08 10.77 25.78
CA TYR B 414 -32.01 9.84 26.90
C TYR B 414 -31.96 10.63 28.20
N ASN B 415 -31.24 11.74 28.18
CA ASN B 415 -31.06 12.50 29.42
C ASN B 415 -32.22 13.44 29.76
N ALA B 416 -33.11 13.70 28.79
CA ALA B 416 -34.01 14.85 28.92
C ALA B 416 -35.12 14.68 29.96
N GLY B 417 -35.93 13.64 29.78
CA GLY B 417 -36.92 13.29 30.80
C GLY B 417 -36.25 12.96 32.13
N PHE B 418 -35.10 12.31 32.05
CA PHE B 418 -34.34 11.87 33.22
C PHE B 418 -34.03 13.10 34.08
N VAL B 419 -33.62 14.20 33.45
CA VAL B 419 -33.37 15.44 34.24
C VAL B 419 -34.62 15.91 35.01
N GLY B 420 -35.77 15.90 34.35
CA GLY B 420 -37.02 16.28 35.01
C GLY B 420 -37.32 15.42 36.23
N ALA B 421 -37.20 14.11 36.03
CA ALA B 421 -37.41 13.19 37.16
C ALA B 421 -36.43 13.44 38.30
N LEU B 422 -35.16 13.68 37.98
CA LEU B 422 -34.18 14.00 39.04
C LEU B 422 -34.52 15.32 39.73
N CYS B 423 -35.07 16.28 38.98
CA CYS B 423 -35.50 17.54 39.60
C CYS B 423 -36.54 17.23 40.68
N ARG B 424 -37.49 16.35 40.36
CA ARG B 424 -38.55 16.06 41.31
C ARG B 424 -38.00 15.39 42.56
N LEU B 425 -37.04 14.49 42.36
CA LEU B 425 -36.49 13.71 43.45
C LEU B 425 -35.54 14.52 44.34
N THR B 426 -34.77 15.42 43.74
CA THR B 426 -33.94 16.28 44.59
CA THR B 426 -33.93 16.36 44.52
C THR B 426 -34.84 17.30 45.29
N ALA B 427 -35.95 17.69 44.67
CA ALA B 427 -36.92 18.59 45.33
C ALA B 427 -37.41 17.96 46.62
N GLU B 428 -37.62 16.66 46.59
CA GLU B 428 -38.16 15.97 47.75
C GLU B 428 -37.10 15.66 48.80
N TYR B 429 -35.94 15.18 48.35
CA TYR B 429 -34.97 14.54 49.24
C TYR B 429 -33.74 15.41 49.47
N GLY B 430 -33.63 16.50 48.71
CA GLY B 430 -32.50 17.41 48.83
C GLY B 430 -31.24 16.73 48.30
N GLY B 431 -30.16 16.87 49.05
CA GLY B 431 -28.88 16.32 48.62
C GLY B 431 -27.92 17.47 48.34
N THR B 432 -26.64 17.21 48.46
CA THR B 432 -25.65 18.25 48.28
C THR B 432 -24.91 17.98 46.99
N PRO B 433 -24.85 18.96 46.07
CA PRO B 433 -24.09 18.66 44.88
C PRO B 433 -22.60 18.63 45.17
N LEU B 434 -21.82 18.07 44.26
CA LEU B 434 -20.37 17.98 44.49
C LEU B 434 -19.73 19.35 44.36
N ALA B 435 -18.97 19.74 45.37
CA ALA B 435 -18.41 21.08 45.44
C ALA B 435 -17.36 21.35 44.39
N ASN B 436 -16.52 20.36 44.09
CA ASN B 436 -15.38 20.71 43.26
C ASN B 436 -15.54 20.17 41.85
N PHE B 437 -16.79 19.96 41.46
CA PHE B 437 -17.11 19.30 40.19
C PHE B 437 -17.08 20.26 39.01
N PRO B 438 -16.47 19.86 37.87
CA PRO B 438 -15.79 18.58 37.67
C PRO B 438 -14.31 18.59 38.07
N PRO B 439 -13.78 17.44 38.53
CA PRO B 439 -12.37 17.41 38.90
C PRO B 439 -11.50 17.32 37.64
N PRO B 440 -10.26 17.83 37.68
CA PRO B 440 -9.41 17.70 36.51
C PRO B 440 -9.01 16.28 36.13
N GLU B 441 -8.91 16.03 34.83
CA GLU B 441 -8.49 14.73 34.35
C GLU B 441 -6.99 14.62 34.29
N GLN B 442 -6.51 13.38 34.37
CA GLN B 442 -5.14 13.07 34.01
C GLN B 442 -4.99 13.18 32.49
N ARG B 443 -3.99 13.95 32.07
CA ARG B 443 -3.77 14.16 30.64
C ARG B 443 -2.56 13.38 30.14
N ASP B 444 -2.59 13.01 28.87
CA ASP B 444 -1.46 12.40 28.16
C ASP B 444 -0.72 13.49 27.37
N ASP B 445 0.48 13.19 26.91
CA ASP B 445 1.16 14.09 25.97
C ASP B 445 0.38 14.15 24.67
N GLU B 446 0.22 15.36 24.16
CA GLU B 446 -0.64 15.53 22.98
C GLU B 446 0.10 15.78 21.65
N PHE B 447 1.15 16.58 21.69
CA PHE B 447 1.96 16.83 20.49
C PHE B 447 3.37 16.44 20.87
N PHE B 448 3.95 15.54 20.09
CA PHE B 448 5.28 15.03 20.44
C PHE B 448 5.84 14.30 19.23
N VAL B 449 7.17 14.16 19.21
CA VAL B 449 7.84 13.31 18.22
C VAL B 449 8.05 11.89 18.76
N GLU B 450 7.78 10.89 17.93
CA GLU B 450 8.26 9.53 18.15
C GLU B 450 9.39 9.35 17.14
N ALA B 451 10.56 8.88 17.60
CA ALA B 451 11.68 8.70 16.68
C ALA B 451 12.42 7.39 16.91
N ALA B 452 13.13 6.98 15.87
CA ALA B 452 13.95 5.77 15.88
C ALA B 452 15.21 6.06 15.05
N ILE B 453 16.28 5.35 15.35
CA ILE B 453 17.45 5.41 14.48
C ILE B 453 17.10 4.49 13.31
N ASN B 454 16.97 5.08 12.13
CA ASN B 454 16.55 4.30 10.96
C ASN B 454 17.74 3.58 10.33
N GLN B 455 18.87 4.28 10.24
CA GLN B 455 20.13 3.73 9.74
C GLN B 455 21.26 4.55 10.35
N ALA B 456 22.41 3.92 10.58
CA ALA B 456 23.53 4.59 11.24
C ALA B 456 24.82 4.12 10.58
N SER B 457 25.79 5.02 10.45
CA SER B 457 27.11 4.62 9.95
C SER B 457 28.16 5.60 10.47
N ASP B 458 29.41 5.40 10.05
CA ASP B 458 30.52 6.17 10.57
C ASP B 458 30.58 7.57 9.94
N HIS B 459 29.67 7.83 9.00
CA HIS B 459 29.60 9.17 8.41
C HIS B 459 28.21 9.82 8.41
N PHE B 460 27.23 9.12 8.98
CA PHE B 460 25.87 9.66 9.06
C PHE B 460 24.94 9.12 10.15
N THR B 461 23.94 9.93 10.48
CA THR B 461 22.81 9.49 11.29
C THR B 461 21.55 9.64 10.45
N GLU B 462 20.73 8.60 10.42
CA GLU B 462 19.40 8.70 9.79
C GLU B 462 18.28 8.44 10.80
N ILE B 463 17.40 9.42 10.93
CA ILE B 463 16.31 9.35 11.89
C ILE B 463 14.98 9.09 11.18
N LYS B 464 14.15 8.21 11.71
CA LYS B 464 12.74 8.14 11.32
C LYS B 464 11.98 8.89 12.41
N ALA B 465 11.26 9.96 12.05
CA ALA B 465 10.55 10.79 13.01
C ALA B 465 9.08 10.90 12.63
N LEU B 466 8.21 10.64 13.60
CA LEU B 466 6.77 10.82 13.42
C LEU B 466 6.33 11.96 14.33
N LEU B 467 5.89 13.08 13.75
CA LEU B 467 5.38 14.19 14.53
C LEU B 467 3.89 13.91 14.78
N ASN B 468 3.54 13.67 16.04
CA ASN B 468 2.19 13.30 16.45
C ASN B 468 1.29 14.45 16.89
N ASN B 469 0.02 14.38 16.49
CA ASN B 469 -1.07 15.14 17.12
C ASN B 469 -2.10 14.13 17.62
N ARG B 470 -2.02 13.80 18.91
CA ARG B 470 -3.03 12.98 19.59
C ARG B 470 -3.73 13.84 20.64
N SER B 471 -3.99 15.09 20.28
CA SER B 471 -4.61 16.02 21.22
C SER B 471 -6.01 15.55 21.62
N SER B 472 -6.38 15.88 22.85
CA SER B 472 -7.70 15.47 23.38
C SER B 472 -8.21 16.37 24.47
N TRP B 473 -7.42 17.35 24.91
CA TRP B 473 -7.83 18.24 26.00
C TRP B 473 -7.80 19.73 25.65
N PRO B 474 -8.60 20.16 24.67
CA PRO B 474 -9.46 19.40 23.76
C PRO B 474 -8.65 18.97 22.54
N ALA B 475 -9.18 18.04 21.77
CA ALA B 475 -8.65 17.82 20.42
C ALA B 475 -8.59 19.16 19.70
N ARG B 476 -7.52 19.36 18.93
CA ARG B 476 -7.28 20.64 18.28
C ARG B 476 -6.22 20.52 17.18
N LEU B 477 -6.12 21.59 16.40
CA LEU B 477 -5.24 21.65 15.23
C LEU B 477 -4.25 22.77 15.45
N ILE B 478 -3.00 22.53 15.04
CA ILE B 478 -1.94 23.52 15.09
C ILE B 478 -1.30 23.58 13.70
N LYS B 479 -1.34 24.74 13.07
CA LYS B 479 -0.79 24.87 11.72
C LYS B 479 0.72 24.99 11.70
N ASP B 480 1.26 25.86 12.55
CA ASP B 480 2.69 26.18 12.46
C ASP B 480 3.50 25.25 13.37
N LEU B 481 3.47 23.96 13.06
CA LEU B 481 4.20 22.95 13.80
C LEU B 481 5.60 22.74 13.24
N SER B 482 6.55 22.62 14.16
CA SER B 482 7.92 22.28 13.82
C SER B 482 8.51 21.49 14.98
N TYR B 483 9.60 20.79 14.68
CA TYR B 483 10.43 20.19 15.71
C TYR B 483 11.91 20.35 15.35
N ASN B 484 12.74 20.33 16.38
CA ASN B 484 14.17 20.52 16.19
C ASN B 484 14.93 19.26 16.53
N TYR B 485 16.01 19.06 15.79
CA TYR B 485 16.96 18.00 16.07
C TYR B 485 18.31 18.70 16.32
N TYR B 486 18.78 18.58 17.56
CA TYR B 486 19.95 19.29 18.08
C TYR B 486 21.15 18.36 18.01
N MET B 487 22.24 18.88 17.45
CA MET B 487 23.49 18.15 17.49
C MET B 487 24.64 18.99 18.03
N ASP B 488 25.65 18.26 18.49
CA ASP B 488 26.92 18.87 18.87
C ASP B 488 27.95 18.69 17.75
N LEU B 489 28.36 19.76 17.08
CA LEU B 489 29.30 19.60 15.96
C LEU B 489 30.77 19.72 16.35
N THR B 490 31.04 19.72 17.66
CA THR B 490 32.40 19.75 18.19
C THR B 490 33.34 18.90 17.33
N GLU B 491 32.97 17.64 17.07
CA GLU B 491 33.89 16.71 16.40
C GLU B 491 34.13 17.04 14.93
N VAL B 492 33.18 17.76 14.31
CA VAL B 492 33.33 18.24 12.94
C VAL B 492 34.44 19.28 12.90
N PHE B 493 34.33 20.27 13.78
CA PHE B 493 35.33 21.33 13.89
C PHE B 493 36.65 20.71 14.33
N GLU B 494 36.58 19.76 15.25
CA GLU B 494 37.77 19.04 15.73
C GLU B 494 38.47 18.29 14.60
N ALA B 495 37.74 18.00 13.53
CA ALA B 495 38.28 17.36 12.34
C ALA B 495 38.69 18.34 11.25
N GLY B 496 38.49 19.64 11.51
CA GLY B 496 38.87 20.68 10.56
C GLY B 496 37.85 20.89 9.45
N TYR B 497 36.63 20.39 9.70
CA TYR B 497 35.51 20.54 8.78
C TYR B 497 34.58 21.63 9.26
N SER B 498 33.77 22.16 8.34
CA SER B 498 32.82 23.20 8.72
C SER B 498 31.37 22.74 8.57
N VAL B 499 30.46 23.56 9.12
CA VAL B 499 29.02 23.36 8.97
C VAL B 499 28.63 23.10 7.51
N ASP B 500 29.26 23.80 6.56
CA ASP B 500 28.92 23.54 5.16
C ASP B 500 29.42 22.22 4.58
N ASP B 501 30.19 21.45 5.36
CA ASP B 501 30.56 20.11 4.93
C ASP B 501 29.57 19.03 5.37
N ILE B 502 28.57 19.40 6.18
CA ILE B 502 27.55 18.46 6.63
C ILE B 502 26.32 18.56 5.74
N LYS B 503 25.82 17.42 5.26
CA LYS B 503 24.77 17.39 4.26
C LYS B 503 23.48 16.89 4.92
N VAL B 504 22.41 17.64 4.70
CA VAL B 504 21.11 17.20 5.17
C VAL B 504 20.39 16.65 3.95
N THR B 505 19.91 15.42 4.07
CA THR B 505 19.11 14.80 3.01
C THR B 505 17.84 14.18 3.60
N ILE B 506 16.95 13.75 2.71
CA ILE B 506 15.71 13.11 3.09
C ILE B 506 15.63 11.73 2.44
N GLY B 507 15.13 10.75 3.19
CA GLY B 507 14.96 9.39 2.70
C GLY B 507 13.53 8.92 2.54
N TYR B 508 12.60 9.69 3.10
CA TYR B 508 11.16 9.41 2.96
C TYR B 508 10.43 10.63 3.52
N CYS B 509 9.47 11.15 2.75
CA CYS B 509 8.65 12.30 3.16
C CYS B 509 7.22 11.89 2.86
N GLU B 510 6.41 11.71 3.90
CA GLU B 510 5.04 11.24 3.73
C GLU B 510 4.23 12.11 2.75
N SER B 511 3.53 11.47 1.83
CA SER B 511 2.76 12.17 0.81
C SER B 511 1.72 13.12 1.42
N GLY B 512 1.66 14.34 0.89
CA GLY B 512 0.65 15.30 1.35
C GLY B 512 1.04 16.16 2.53
N MET B 513 2.20 15.91 3.12
CA MET B 513 2.67 16.70 4.25
C MET B 513 3.76 17.65 3.77
N ASP B 514 3.36 18.83 3.31
CA ASP B 514 4.29 19.86 2.80
CA ASP B 514 4.31 19.83 2.81
C ASP B 514 5.29 20.19 3.92
N VAL B 515 6.56 19.98 3.65
CA VAL B 515 7.59 20.08 4.69
C VAL B 515 8.84 20.78 4.21
N GLU B 516 9.47 21.53 5.11
CA GLU B 516 10.81 22.06 4.87
C GLU B 516 11.74 21.71 6.01
N ILE B 517 13.02 21.56 5.70
CA ILE B 517 14.03 21.39 6.72
C ILE B 517 14.96 22.60 6.63
N SER B 518 15.20 23.26 7.76
CA SER B 518 16.05 24.45 7.78
C SER B 518 17.49 24.05 7.43
N PRO B 519 18.29 25.02 6.99
CA PRO B 519 19.70 24.68 6.99
C PRO B 519 20.13 24.46 8.44
N ILE B 520 21.29 23.84 8.63
CA ILE B 520 21.84 23.68 9.96
C ILE B 520 22.11 25.04 10.59
N THR B 521 21.49 25.28 11.74
CA THR B 521 21.44 26.60 12.35
C THR B 521 22.14 26.60 13.71
N HIS B 522 22.94 27.63 13.96
CA HIS B 522 23.67 27.77 15.21
C HIS B 522 22.78 28.08 16.41
N LEU B 523 23.06 27.43 17.53
CA LEU B 523 22.32 27.71 18.76
C LEU B 523 23.18 28.44 19.80
N TYR B 524 24.26 27.79 20.22
CA TYR B 524 25.29 28.35 21.09
C TYR B 524 26.46 27.36 21.10
N ASP B 525 27.66 27.85 21.39
CA ASP B 525 28.88 27.02 21.37
C ASP B 525 28.95 26.22 20.06
N ASN B 526 29.21 24.92 20.22
CA ASN B 526 29.19 24.00 19.09
C ASN B 526 27.85 23.28 18.88
N ILE B 527 26.78 23.81 19.45
CA ILE B 527 25.44 23.23 19.28
C ILE B 527 24.68 23.87 18.11
N TYR B 528 24.18 23.02 17.22
CA TYR B 528 23.48 23.44 16.02
C TYR B 528 22.23 22.59 15.88
N TYR B 529 21.30 23.02 15.05
CA TYR B 529 20.08 22.25 14.92
C TYR B 529 19.53 22.38 13.51
N ILE B 530 18.71 21.39 13.13
CA ILE B 530 17.82 21.58 12.00
C ILE B 530 16.40 21.66 12.53
N LYS B 531 15.59 22.50 11.90
CA LYS B 531 14.17 22.57 12.20
C LYS B 531 13.41 21.93 11.04
N ILE B 532 12.55 20.98 11.41
CA ILE B 532 11.62 20.36 10.47
C ILE B 532 10.30 21.09 10.65
N SER B 533 9.82 21.75 9.61
CA SER B 533 8.60 22.55 9.73
C SER B 533 7.55 22.04 8.76
N TYR B 534 6.33 21.82 9.26
CA TYR B 534 5.20 21.51 8.40
C TYR B 534 4.43 22.78 8.04
N ILE B 535 4.31 23.04 6.74
CA ILE B 535 3.67 24.27 6.27
C ILE B 535 2.19 24.34 6.61
N ASP B 536 1.50 23.21 6.50
CA ASP B 536 0.13 23.16 7.01
C ASP B 536 0.07 22.00 8.01
N GLY B 537 0.53 22.30 9.21
CA GLY B 537 0.48 21.35 10.33
C GLY B 537 -0.91 20.89 10.69
N THR B 538 -1.97 21.57 10.25
CA THR B 538 -3.32 21.06 10.52
C THR B 538 -3.64 19.72 9.86
N ASN B 539 -2.85 19.33 8.87
CA ASN B 539 -2.99 17.99 8.29
C ASN B 539 -2.40 16.89 9.16
N ILE B 540 -1.74 17.28 10.27
CA ILE B 540 -1.41 16.34 11.33
C ILE B 540 -2.52 16.43 12.37
N CYS B 541 -3.38 15.41 12.43
CA CYS B 541 -4.60 15.52 13.21
C CYS B 541 -5.11 14.12 13.55
N PRO B 542 -5.78 14.00 14.71
CA PRO B 542 -6.16 12.68 15.23
C PRO B 542 -7.45 12.16 14.58
N ILE B 543 -7.39 11.91 13.27
CA ILE B 543 -8.58 11.56 12.50
C ILE B 543 -8.50 10.18 11.83
N GLY B 544 -7.37 9.50 12.00
CA GLY B 544 -7.16 8.23 11.31
C GLY B 544 -5.72 7.75 11.43
N GLN B 545 -5.53 6.51 10.99
CA GLN B 545 -4.24 5.82 11.11
C GLN B 545 -3.12 6.55 10.40
N GLU B 546 -3.43 7.16 9.26
CA GLU B 546 -2.37 7.79 8.50
C GLU B 546 -2.19 9.27 8.86
N GLN B 547 -3.20 9.89 9.45
CA GLN B 547 -3.16 11.34 9.67
C GLN B 547 -2.59 11.80 11.02
N TYR B 548 -2.64 10.96 12.05
CA TYR B 548 -2.29 11.45 13.38
C TYR B 548 -0.80 11.74 13.52
N ALA B 549 0.02 11.23 12.60
CA ALA B 549 1.44 11.56 12.67
C ALA B 549 1.98 11.74 11.26
N ALA B 550 2.90 12.70 11.10
CA ALA B 550 3.60 12.89 9.84
C ALA B 550 4.97 12.22 9.97
N GLU B 551 5.28 11.35 9.02
CA GLU B 551 6.55 10.65 8.98
C GLU B 551 7.56 11.30 8.04
N LEU B 552 8.76 11.50 8.56
CA LEU B 552 9.89 11.97 7.77
C LEU B 552 11.09 11.12 8.16
N GLN B 553 11.86 10.75 7.15
CA GLN B 553 13.17 10.12 7.41
C GLN B 553 14.20 11.12 6.90
N PHE B 554 15.04 11.62 7.82
CA PHE B 554 16.08 12.56 7.42
C PHE B 554 17.45 12.04 7.81
N ARG B 555 18.44 12.40 7.00
CA ARG B 555 19.80 11.95 7.22
C ARG B 555 20.71 13.17 7.32
N ILE B 556 21.61 13.16 8.30
CA ILE B 556 22.59 14.22 8.48
C ILE B 556 23.94 13.53 8.30
N ALA B 557 24.69 14.01 7.32
CA ALA B 557 25.87 13.26 6.90
C ALA B 557 27.11 14.12 6.74
N ALA B 558 28.20 13.57 7.27
CA ALA B 558 29.55 14.07 7.02
C ALA B 558 29.96 13.52 5.66
N PRO B 559 31.09 13.98 5.07
CA PRO B 559 31.44 13.44 3.75
C PRO B 559 31.69 11.94 3.78
N GLN B 560 31.34 11.26 2.68
CA GLN B 560 31.52 9.82 2.58
C GLN B 560 33.02 9.51 2.74
N GLY B 561 33.34 8.44 3.45
CA GLY B 561 34.73 8.09 3.74
C GLY B 561 35.28 8.60 5.07
N THR B 562 34.77 9.72 5.56
CA THR B 562 35.19 10.25 6.86
C THR B 562 34.66 9.38 8.00
N LYS B 563 35.35 9.38 9.13
CA LYS B 563 35.01 8.52 10.26
C LYS B 563 34.86 9.26 11.59
N PHE B 564 34.82 10.59 11.54
CA PHE B 564 34.73 11.40 12.75
C PHE B 564 33.32 11.64 13.30
N TRP B 565 32.28 11.40 12.51
CA TRP B 565 30.90 11.72 12.92
C TRP B 565 30.54 11.13 14.28
N ASP B 566 30.05 11.98 15.18
CA ASP B 566 29.73 11.56 16.54
C ASP B 566 28.38 11.99 17.11
N PRO B 567 27.37 11.12 16.87
CA PRO B 567 25.98 11.32 17.26
C PRO B 567 25.79 11.19 18.77
N THR B 568 26.72 10.55 19.46
CA THR B 568 26.56 10.31 20.90
C THR B 568 26.69 11.55 21.78
N ASN B 569 27.15 12.66 21.22
CA ASN B 569 27.11 13.93 21.94
C ASN B 569 25.97 14.83 21.46
N ASP B 570 25.11 14.27 20.61
CA ASP B 570 23.99 15.02 20.06
C ASP B 570 22.83 14.96 21.04
N PHE B 571 22.35 16.14 21.42
CA PHE B 571 21.26 16.25 22.39
C PHE B 571 20.06 15.42 21.91
N SER B 572 19.70 15.55 20.63
CA SER B 572 18.47 14.89 20.19
C SER B 572 18.62 13.37 19.95
N TYR B 573 19.84 12.86 20.06
CA TYR B 573 20.09 11.43 19.85
C TYR B 573 19.86 10.60 21.11
N GLN B 574 19.84 11.26 22.26
CA GLN B 574 19.72 10.58 23.56
C GLN B 574 18.55 9.61 23.67
N GLY B 575 18.86 8.38 24.04
CA GLY B 575 17.84 7.38 24.31
C GLY B 575 17.21 6.72 23.09
N LEU B 576 17.60 7.13 21.88
CA LEU B 576 16.97 6.56 20.70
C LEU B 576 17.45 5.14 20.49
N THR B 577 16.55 4.28 20.03
CA THR B 577 16.83 2.91 19.70
C THR B 577 16.42 2.72 18.25
N ARG B 578 16.38 1.46 17.80
CA ARG B 578 15.95 1.15 16.44
C ARG B 578 14.44 1.00 16.38
N GLU B 579 13.76 1.15 17.51
CA GLU B 579 12.30 1.07 17.55
C GLU B 579 11.72 2.46 17.82
N LEU B 580 10.60 2.77 17.16
CA LEU B 580 9.96 4.07 17.39
C LEU B 580 9.54 4.26 18.85
N ALA B 581 9.86 5.42 19.41
CA ALA B 581 9.47 5.74 20.78
C ALA B 581 9.38 7.24 20.91
N LYS B 582 8.45 7.70 21.74
CA LYS B 582 8.34 9.11 22.09
C LYS B 582 9.67 9.61 22.63
N THR B 583 10.10 10.78 22.17
CA THR B 583 11.27 11.41 22.75
C THR B 583 11.06 12.87 23.14
N LYS B 584 11.51 13.23 24.35
CA LYS B 584 11.46 14.63 24.75
C LYS B 584 12.61 15.47 24.23
N TYR B 585 13.58 14.86 23.55
CA TYR B 585 14.78 15.58 23.09
C TYR B 585 14.71 16.11 21.65
N MET B 586 13.57 15.89 21.02
CA MET B 586 13.24 16.53 19.75
C MET B 586 12.01 17.39 20.01
N PRO B 587 12.21 18.56 20.64
CA PRO B 587 11.06 19.33 21.09
C PRO B 587 10.17 19.86 19.97
N VAL B 588 8.90 20.00 20.29
CA VAL B 588 7.92 20.46 19.33
C VAL B 588 7.53 21.90 19.64
N PHE B 589 7.32 22.67 18.58
CA PHE B 589 6.91 24.07 18.64
C PHE B 589 5.63 24.43 17.89
N ASP B 590 4.86 25.35 18.47
CA ASP B 590 3.74 26.00 17.80
C ASP B 590 4.24 27.40 17.51
N GLY B 591 4.51 27.73 16.25
CA GLY B 591 5.26 28.97 15.95
C GLY B 591 6.57 28.93 16.71
N ALA B 592 6.89 30.00 17.45
CA ALA B 592 8.12 30.04 18.23
C ALA B 592 8.02 29.52 19.66
N THR B 593 6.82 29.12 20.08
CA THR B 593 6.61 28.60 21.43
C THR B 593 6.81 27.09 21.53
N LYS B 594 7.72 26.66 22.41
CA LYS B 594 7.85 25.24 22.71
C LYS B 594 6.59 24.71 23.39
N ILE B 595 6.04 23.62 22.84
CA ILE B 595 4.88 22.97 23.44
C ILE B 595 5.13 21.57 24.02
N PHE B 596 6.29 20.99 23.71
CA PHE B 596 6.70 19.71 24.27
C PHE B 596 8.21 19.54 24.17
N GLY B 597 8.77 18.91 25.20
CA GLY B 597 10.16 18.46 25.18
C GLY B 597 11.14 19.41 25.85
N GLU B 598 12.43 19.16 25.60
CA GLU B 598 13.51 19.93 26.20
C GLU B 598 14.52 20.41 25.16
N VAL B 599 15.25 21.48 25.50
CA VAL B 599 16.22 22.13 24.64
C VAL B 599 17.58 22.11 25.33
N PRO B 600 18.69 21.98 24.57
CA PRO B 600 20.01 22.10 25.19
C PRO B 600 20.12 23.40 25.98
N GLY B 601 20.65 23.32 27.20
CA GLY B 601 20.49 24.42 28.16
C GLY B 601 19.03 24.46 28.56
N GLY B 602 18.35 25.56 28.24
CA GLY B 602 16.95 25.76 28.59
C GLY B 602 16.41 27.10 28.13
C2 BGC C . 13.52 -34.26 -20.58
C3 BGC C . 14.25 -35.56 -20.25
C4 BGC C . 15.50 -35.66 -21.12
C5 BGC C . 16.34 -34.38 -21.05
C6 BGC C . 17.52 -34.37 -22.01
C1 BGC C . 14.45 -33.07 -20.43
O1 BGC C . 13.79 -31.88 -20.85
O2 BGC C . 12.37 -34.10 -19.74
O3 BGC C . 13.41 -36.69 -20.53
O4 BGC C . 16.32 -36.76 -20.70
O5 BGC C . 15.52 -33.27 -21.36
O6 BGC C . 17.06 -34.44 -23.36
C2 BGC C . 17.63 -38.62 -21.37
C3 BGC C . 17.66 -39.85 -22.26
C4 BGC C . 16.31 -40.58 -22.24
C5 BGC C . 15.17 -39.60 -22.51
C6 BGC C . 13.79 -40.25 -22.50
C1 BGC C . 16.42 -37.77 -21.71
O2 BGC C . 18.86 -37.92 -21.60
O3 BGC C . 18.70 -40.74 -21.82
O4 BGC C . 16.32 -41.60 -23.25
O5 BGC C . 15.24 -38.56 -21.54
O6 BGC C . 13.51 -40.68 -21.17
C2 BGC D . -38.74 2.87 16.87
C3 BGC D . -40.10 3.45 16.48
C4 BGC D . -40.56 4.43 17.55
C5 BGC D . -39.50 5.52 17.78
C6 BGC D . -39.89 6.42 18.94
C1 BGC D . -37.74 4.02 17.09
O1 BGC D . -36.49 3.47 17.54
O2 BGC D . -38.27 2.14 15.73
O3 BGC D . -41.07 2.40 16.28
O4 BGC D . -41.77 5.05 17.13
O5 BGC D . -38.24 4.92 18.07
O6 BGC D . -39.97 5.65 20.15
C2 BGC D . -43.98 5.85 17.75
C3 BGC D . -45.24 5.42 18.46
C4 BGC D . -45.62 3.98 18.14
C5 BGC D . -44.41 3.06 18.34
C6 BGC D . -44.68 1.59 18.04
C1 BGC D . -42.90 4.80 17.98
O2 BGC D . -43.56 7.03 18.43
O3 BGC D . -46.30 6.32 18.16
O4 BGC D . -46.61 3.68 19.12
O5 BGC D . -43.33 3.51 17.51
O6 BGC D . -45.12 1.46 16.68
CA CA E . 24.16 -38.47 -18.52
CA CA F . 9.11 33.04 -13.51
CL CL G . 31.00 -32.41 -2.23
CL CL H . 16.01 -41.61 -45.40
CL CL I . 29.35 -36.93 -46.84
CL CL J . 14.94 -8.75 -32.89
CL CL K . 6.17 -0.35 -25.06
BR BR L . 24.98 -6.17 -41.04
BR BR M . 21.99 22.39 -24.29
BR BR N . 2.36 41.07 -5.67
C TRS O . 15.34 -25.21 -18.74
C1 TRS O . 15.69 -24.23 -19.87
C2 TRS O . 16.24 -24.99 -17.53
C3 TRS O . 15.46 -26.63 -19.28
N TRS O . 13.95 -24.94 -18.34
O1 TRS O . 14.67 -24.21 -20.84
O2 TRS O . 16.15 -23.71 -16.94
O3 TRS O . 14.84 -27.59 -18.43
CA CA P . -44.97 12.62 15.98
CA CA Q . 28.16 15.30 17.29
BR BR R . -39.21 23.58 1.88
CL CL S . -48.57 -0.77 40.63
CL CL T . -47.02 12.96 44.80
CL CL U . -15.41 7.09 32.39
CL CL V . -4.57 1.82 24.65
BR BR W . -15.81 15.88 42.33
BR BR X . 13.91 22.96 28.49
C TRS Y . -30.15 6.72 16.50
C1 TRS Y . -29.46 7.04 17.84
C2 TRS Y . -30.03 7.88 15.50
C3 TRS Y . -31.64 6.53 16.76
N TRS Y . -29.58 5.50 15.91
O1 TRS Y . -29.25 5.87 18.63
O2 TRS Y . -28.71 8.18 15.10
O3 TRS Y . -32.36 5.90 15.71
C21 7PE Z . -43.61 41.98 18.98
C20 7PE Z . -42.30 42.04 18.21
O19 7PE Z . -42.56 41.72 16.84
C18 7PE Z . -41.40 41.42 16.06
C17 7PE Z . -41.80 40.81 14.72
O16 7PE Z . -42.66 39.67 14.89
C15 7PE Z . -42.88 38.95 13.68
C14 7PE Z . -42.64 37.44 13.84
O13 7PE Z . -41.33 37.14 13.35
C12 7PE Z . -40.76 35.90 13.73
C11 7PE Z . -40.03 35.32 12.52
O10 7PE Z . -38.68 35.76 12.43
C9 7PE Z . -38.52 37.04 11.81
C8 7PE Z . -37.23 37.17 11.02
O7 7PE Z . -37.18 38.46 10.39
C6 7PE Z . -37.12 38.51 8.96
C5 7PE Z . -36.74 37.21 8.24
O4 7PE Z . -37.86 36.49 7.72
C3 7PE Z . -37.83 36.42 6.30
C2 7PE Z . -39.21 36.57 5.65
O1 7PE Z . -39.45 37.88 5.13
#